data_8Y00
#
_entry.id   8Y00
#
_cell.length_a   52.192
_cell.length_b   137.834
_cell.length_c   52.822
_cell.angle_alpha   90.00
_cell.angle_beta   97.85
_cell.angle_gamma   90.00
#
_symmetry.space_group_name_H-M   'P 1 21 1'
#
loop_
_entity.id
_entity.type
_entity.pdbx_description
1 polymer Endo-1,4-beta-xylanase
2 branched beta-D-xylopyranose-(1-4)-beta-D-xylopyranose
3 branched beta-D-xylopyranose-(1-4)-beta-D-xylopyranose-(1-4)-beta-D-xylopyranose
4 non-polymer 'ZINC ION'
5 non-polymer beta-D-xylopyranose
6 water water
#
_entity_poly.entity_id   1
_entity_poly.type   'polypeptide(L)'
_entity_poly.pdbx_seq_one_letter_code
;GAGAGAGAGAGMEITSSETGTNNGYYYSFWTDGGGQVTYTNGPAGQYSVEWSNSGNFVAGKGWNPGSSQTITYSGEWNPN
GNSYLSVYGWTQNPLVEYYIVESFSTYDPSTGAQELGTVETDDGTYKIYQTTRENAPSIEGTATFNQYWSVRTDHRVGGT
VTTQNHFDAWKNAGLEMGTHNYMIVATAGYQSSGSASITVQ
;
_entity_poly.pdbx_strand_id   A,B,C,D
#
# COMPACT_ATOMS: atom_id res chain seq x y z
N GLY A 5 13.26 -33.21 -4.62
CA GLY A 5 11.90 -33.68 -5.08
C GLY A 5 11.84 -35.19 -5.24
N ALA A 6 11.45 -35.68 -6.42
CA ALA A 6 11.26 -37.11 -6.78
C ALA A 6 12.60 -37.77 -7.18
N GLY A 7 13.70 -37.00 -7.14
CA GLY A 7 15.06 -37.48 -7.46
C GLY A 7 15.09 -38.14 -8.82
N ALA A 8 15.58 -39.38 -8.88
CA ALA A 8 15.63 -40.18 -10.14
C ALA A 8 14.21 -40.42 -10.71
N GLY A 9 13.17 -40.25 -9.89
CA GLY A 9 11.78 -40.58 -10.26
C GLY A 9 11.14 -39.55 -11.18
N ALA A 10 11.77 -38.38 -11.39
CA ALA A 10 11.19 -37.28 -12.19
C ALA A 10 11.02 -37.79 -13.62
N GLY A 11 9.88 -37.48 -14.27
CA GLY A 11 9.61 -37.81 -15.69
C GLY A 11 10.42 -36.92 -16.64
N MET A 12 10.19 -37.03 -17.96
CA MET A 12 10.90 -36.25 -19.01
C MET A 12 10.70 -34.75 -18.74
N GLU A 13 11.72 -33.92 -18.98
CA GLU A 13 11.57 -32.45 -18.76
C GLU A 13 10.65 -31.87 -19.83
N ILE A 14 9.67 -31.09 -19.41
CA ILE A 14 8.67 -30.39 -20.27
C ILE A 14 9.01 -28.90 -20.19
N THR A 15 9.15 -28.20 -21.33
CA THR A 15 9.60 -26.78 -21.36
C THR A 15 8.62 -25.89 -22.13
N SER A 16 7.57 -26.47 -22.70
CA SER A 16 6.53 -25.74 -23.47
C SER A 16 5.18 -26.29 -23.06
N SER A 17 4.15 -25.46 -23.15
CA SER A 17 2.76 -25.67 -22.64
C SER A 17 2.25 -27.04 -23.06
N GLU A 18 1.68 -27.78 -22.10
CA GLU A 18 0.97 -29.02 -22.45
C GLU A 18 0.17 -29.49 -21.28
N THR A 19 -0.77 -30.36 -21.58
CA THR A 19 -1.65 -30.97 -20.57
C THR A 19 -1.70 -32.47 -20.82
N GLY A 20 -2.11 -33.19 -19.80
CA GLY A 20 -2.30 -34.63 -19.91
C GLY A 20 -2.74 -35.22 -18.59
N THR A 21 -2.70 -36.53 -18.51
CA THR A 21 -2.97 -37.29 -17.28
C THR A 21 -1.78 -38.22 -17.03
N ASN A 22 -1.21 -38.16 -15.84
CA ASN A 22 0.05 -38.85 -15.47
C ASN A 22 -0.22 -39.47 -14.08
N ASN A 23 -0.13 -40.79 -13.97
CA ASN A 23 -0.28 -41.52 -12.68
C ASN A 23 -1.67 -41.21 -12.07
N GLY A 24 -2.72 -41.06 -12.92
CA GLY A 24 -4.11 -40.84 -12.49
C GLY A 24 -4.45 -39.38 -12.16
N TYR A 25 -3.48 -38.48 -12.26
CA TYR A 25 -3.69 -37.03 -12.05
C TYR A 25 -3.62 -36.26 -13.37
N TYR A 26 -4.59 -35.36 -13.52
CA TYR A 26 -4.54 -34.34 -14.58
C TYR A 26 -3.33 -33.45 -14.29
N TYR A 27 -2.63 -32.99 -15.32
CA TYR A 27 -1.58 -31.97 -15.14
C TYR A 27 -1.73 -30.94 -16.22
N SER A 28 -1.53 -29.66 -15.82
CA SER A 28 -1.50 -28.54 -16.77
C SER A 28 -0.15 -27.86 -16.57
N PHE A 29 0.60 -27.66 -17.66
CA PHE A 29 1.83 -26.85 -17.66
C PHE A 29 1.58 -25.76 -18.68
N TRP A 30 1.45 -24.51 -18.21
CA TRP A 30 1.30 -23.39 -19.18
C TRP A 30 2.45 -22.41 -18.98
N THR A 31 3.13 -22.04 -20.05
CA THR A 31 4.11 -20.93 -19.98
C THR A 31 3.91 -20.01 -21.18
N ASP A 32 4.14 -18.69 -21.01
CA ASP A 32 4.13 -17.74 -22.15
C ASP A 32 5.43 -17.87 -22.96
N GLY A 33 6.40 -18.67 -22.52
CA GLY A 33 7.67 -18.94 -23.23
C GLY A 33 8.81 -18.02 -22.80
N GLY A 34 8.63 -17.17 -21.79
CA GLY A 34 9.71 -16.32 -21.27
C GLY A 34 10.72 -17.09 -20.43
N GLY A 35 11.96 -16.65 -20.44
CA GLY A 35 13.03 -17.26 -19.63
C GLY A 35 13.11 -18.75 -19.86
N GLN A 36 13.38 -19.51 -18.79
CA GLN A 36 13.43 -20.98 -18.83
C GLN A 36 12.48 -21.50 -17.75
N VAL A 37 11.49 -22.30 -18.16
CA VAL A 37 10.58 -22.95 -17.17
C VAL A 37 10.60 -24.45 -17.47
N THR A 38 11.00 -25.27 -16.50
CA THR A 38 11.14 -26.72 -16.71
C THR A 38 10.22 -27.46 -15.74
N TYR A 39 9.29 -28.23 -16.24
CA TYR A 39 8.32 -29.00 -15.46
C TYR A 39 8.57 -30.50 -15.59
N THR A 40 8.39 -31.27 -14.52
CA THR A 40 8.45 -32.75 -14.55
C THR A 40 7.30 -33.33 -13.74
N ASN A 41 6.71 -34.40 -14.27
CA ASN A 41 5.78 -35.26 -13.52
C ASN A 41 6.57 -36.30 -12.72
N GLY A 42 6.20 -36.44 -11.46
CA GLY A 42 6.70 -37.48 -10.56
C GLY A 42 5.69 -38.59 -10.38
N PRO A 43 6.02 -39.54 -9.47
CA PRO A 43 5.09 -40.61 -9.15
C PRO A 43 3.84 -40.02 -8.50
N ALA A 44 2.71 -40.71 -8.65
CA ALA A 44 1.42 -40.38 -8.00
C ALA A 44 1.11 -38.90 -8.27
N GLY A 45 0.80 -38.10 -7.26
CA GLY A 45 0.37 -36.71 -7.50
C GLY A 45 1.53 -35.72 -7.48
N GLN A 46 2.77 -36.17 -7.69
CA GLN A 46 3.98 -35.29 -7.53
C GLN A 46 4.22 -34.56 -8.86
N TYR A 47 4.64 -33.30 -8.75
CA TYR A 47 5.30 -32.57 -9.84
C TYR A 47 6.41 -31.68 -9.28
N SER A 48 7.35 -31.37 -10.16
CA SER A 48 8.44 -30.41 -9.91
C SER A 48 8.47 -29.35 -11.00
N VAL A 49 8.77 -28.11 -10.61
CA VAL A 49 8.95 -27.03 -11.58
C VAL A 49 10.19 -26.26 -11.15
N GLU A 50 11.02 -25.89 -12.11
CA GLU A 50 12.27 -25.09 -11.88
C GLU A 50 12.20 -23.94 -12.87
N TRP A 51 12.37 -22.69 -12.43
CA TRP A 51 12.29 -21.56 -13.39
C TRP A 51 13.40 -20.55 -13.17
N SER A 52 13.69 -19.83 -14.24
CA SER A 52 14.82 -18.87 -14.28
C SER A 52 14.40 -17.68 -15.14
N ASN A 53 14.30 -16.48 -14.56
CA ASN A 53 13.93 -15.22 -15.25
C ASN A 53 12.70 -15.43 -16.12
N SER A 54 11.71 -16.12 -15.59
CA SER A 54 10.53 -16.57 -16.34
C SER A 54 9.71 -15.40 -16.86
N GLY A 55 8.86 -15.67 -17.83
CA GLY A 55 7.67 -14.86 -18.04
C GLY A 55 6.57 -15.28 -17.08
N ASN A 56 5.34 -15.37 -17.59
CA ASN A 56 4.20 -15.92 -16.82
C ASN A 56 4.14 -17.45 -17.01
N PHE A 57 3.93 -18.18 -15.94
CA PHE A 57 3.68 -19.62 -16.07
C PHE A 57 2.77 -20.04 -14.93
N VAL A 58 2.08 -21.14 -15.13
CA VAL A 58 1.20 -21.74 -14.09
C VAL A 58 1.25 -23.25 -14.34
N ALA A 59 1.59 -24.04 -13.32
CA ALA A 59 1.76 -25.47 -13.54
C ALA A 59 1.34 -26.29 -12.33
N GLY A 60 0.78 -27.46 -12.60
CA GLY A 60 0.57 -28.45 -11.52
C GLY A 60 -0.39 -29.55 -11.87
N LYS A 61 -0.67 -30.36 -10.87
CA LYS A 61 -1.51 -31.59 -10.90
C LYS A 61 -2.80 -31.45 -10.08
N GLY A 62 -3.82 -32.19 -10.51
CA GLY A 62 -5.12 -32.25 -9.84
C GLY A 62 -6.09 -33.07 -10.65
N TRP A 63 -7.19 -32.46 -11.04
CA TRP A 63 -8.35 -33.18 -11.64
C TRP A 63 -8.92 -32.38 -12.81
N ASN A 64 -9.53 -33.08 -13.76
CA ASN A 64 -10.23 -32.41 -14.87
C ASN A 64 -11.37 -33.33 -15.29
N PRO A 65 -12.62 -33.00 -14.93
CA PRO A 65 -12.93 -31.75 -14.26
C PRO A 65 -12.68 -31.83 -12.75
N GLY A 66 -12.59 -30.66 -12.10
CA GLY A 66 -12.64 -30.54 -10.65
C GLY A 66 -14.04 -30.85 -10.14
N SER A 67 -14.14 -31.44 -8.95
CA SER A 67 -15.47 -31.68 -8.35
C SER A 67 -15.52 -31.22 -6.90
N SER A 68 -14.94 -30.07 -6.60
CA SER A 68 -15.09 -29.36 -5.30
C SER A 68 -14.58 -30.25 -4.16
N GLN A 69 -13.53 -31.01 -4.41
CA GLN A 69 -13.06 -31.95 -3.38
C GLN A 69 -12.21 -31.21 -2.35
N THR A 70 -12.09 -31.83 -1.19
CA THR A 70 -11.10 -31.44 -0.19
C THR A 70 -9.71 -31.92 -0.62
N ILE A 71 -8.78 -30.98 -0.80
CA ILE A 71 -7.44 -31.31 -1.35
C ILE A 71 -6.50 -31.38 -0.15
N THR A 72 -5.58 -32.33 -0.20
CA THR A 72 -4.41 -32.40 0.71
C THR A 72 -3.16 -32.29 -0.15
N TYR A 73 -2.21 -31.44 0.20
CA TYR A 73 -0.97 -31.35 -0.62
C TYR A 73 0.18 -31.18 0.34
N SER A 74 1.35 -31.57 -0.12
CA SER A 74 2.61 -31.52 0.67
C SER A 74 3.73 -31.08 -0.27
N GLY A 75 4.86 -30.70 0.33
CA GLY A 75 6.08 -30.44 -0.44
C GLY A 75 6.75 -29.14 -0.06
N GLU A 76 7.41 -28.55 -1.04
CA GLU A 76 8.25 -27.36 -0.80
C GLU A 76 8.11 -26.45 -2.01
N TRP A 77 8.18 -25.18 -1.73
CA TRP A 77 8.02 -24.07 -2.71
C TRP A 77 9.07 -23.03 -2.31
N ASN A 78 10.02 -22.84 -3.21
CA ASN A 78 11.27 -22.06 -3.00
C ASN A 78 11.39 -21.00 -4.09
N PRO A 79 10.56 -19.93 -4.10
CA PRO A 79 10.69 -18.86 -5.09
C PRO A 79 11.85 -17.94 -4.72
N ASN A 80 12.39 -17.28 -5.70
CA ASN A 80 13.27 -16.09 -5.61
C ASN A 80 12.57 -15.02 -6.46
N GLY A 81 11.61 -14.32 -5.86
CA GLY A 81 10.74 -13.36 -6.55
C GLY A 81 9.29 -13.85 -6.65
N ASN A 82 8.57 -13.19 -7.53
CA ASN A 82 7.11 -13.23 -7.64
C ASN A 82 6.63 -14.63 -7.98
N SER A 83 5.93 -15.28 -7.06
CA SER A 83 5.39 -16.63 -7.20
C SER A 83 4.19 -16.82 -6.28
N TYR A 84 3.26 -17.67 -6.68
CA TYR A 84 2.03 -17.98 -5.88
C TYR A 84 1.92 -19.52 -5.85
N LEU A 85 1.55 -20.06 -4.71
CA LEU A 85 1.19 -21.49 -4.53
C LEU A 85 -0.29 -21.53 -4.22
N SER A 86 -1.14 -22.16 -5.05
CA SER A 86 -2.59 -21.93 -4.97
C SER A 86 -3.36 -23.19 -5.34
N VAL A 87 -4.57 -23.31 -4.87
CA VAL A 87 -5.53 -24.20 -5.59
C VAL A 87 -6.11 -23.35 -6.72
N TYR A 88 -5.98 -23.85 -7.95
CA TYR A 88 -6.17 -23.03 -9.15
C TYR A 88 -7.08 -23.79 -10.08
N GLY A 89 -8.06 -23.10 -10.65
CA GLY A 89 -8.92 -23.78 -11.62
C GLY A 89 -9.73 -22.83 -12.46
N TRP A 90 -10.62 -23.44 -13.23
CA TRP A 90 -11.48 -22.74 -14.22
C TRP A 90 -12.90 -23.24 -14.11
N THR A 91 -13.88 -22.33 -14.31
CA THR A 91 -15.26 -22.75 -14.70
C THR A 91 -15.50 -22.24 -16.11
N GLN A 92 -16.46 -22.87 -16.73
CA GLN A 92 -16.96 -22.45 -18.08
C GLN A 92 -18.44 -22.05 -17.95
N ASN A 93 -18.86 -21.08 -18.76
CA ASN A 93 -20.27 -20.74 -18.96
C ASN A 93 -20.95 -20.41 -17.62
N PRO A 94 -20.49 -19.36 -16.92
CA PRO A 94 -19.47 -18.44 -17.43
C PRO A 94 -18.02 -18.83 -17.16
N LEU A 95 -17.17 -18.29 -18.03
CA LEU A 95 -15.70 -18.47 -17.94
C LEU A 95 -15.20 -17.70 -16.72
N VAL A 96 -14.52 -18.43 -15.83
CA VAL A 96 -13.99 -17.90 -14.55
C VAL A 96 -12.64 -18.57 -14.32
N GLU A 97 -11.65 -17.77 -13.93
CA GLU A 97 -10.35 -18.27 -13.43
C GLU A 97 -10.36 -18.05 -11.92
N TYR A 98 -9.96 -19.04 -11.12
CA TYR A 98 -10.00 -18.79 -9.66
C TYR A 98 -8.73 -19.34 -9.01
N TYR A 99 -8.42 -18.71 -7.89
CA TYR A 99 -7.17 -18.94 -7.12
C TYR A 99 -7.54 -18.97 -5.65
N ILE A 100 -7.17 -20.06 -4.99
CA ILE A 100 -7.12 -20.17 -3.52
C ILE A 100 -5.65 -20.13 -3.13
N VAL A 101 -5.19 -18.92 -2.85
CA VAL A 101 -3.77 -18.63 -2.67
C VAL A 101 -3.34 -19.04 -1.26
N GLU A 102 -2.46 -20.03 -1.20
CA GLU A 102 -1.90 -20.59 0.06
C GLU A 102 -0.68 -19.77 0.51
N SER A 103 0.15 -19.34 -0.44
CA SER A 103 1.31 -18.46 -0.19
C SER A 103 1.51 -17.60 -1.42
N PHE A 104 1.95 -16.38 -1.24
CA PHE A 104 2.57 -15.59 -2.33
C PHE A 104 3.87 -15.04 -1.78
N SER A 105 4.77 -14.59 -2.64
CA SER A 105 6.13 -14.20 -2.19
C SER A 105 6.15 -12.68 -2.12
N THR A 106 6.54 -12.03 -3.21
CA THR A 106 6.85 -10.58 -3.24
C THR A 106 5.71 -9.69 -3.78
N TYR A 107 4.59 -10.26 -4.21
CA TYR A 107 3.52 -9.51 -4.89
C TYR A 107 2.17 -10.13 -4.52
N ASP A 108 1.30 -9.35 -3.91
CA ASP A 108 -0.06 -9.80 -3.54
C ASP A 108 -0.90 -9.79 -4.81
N PRO A 109 -1.28 -10.98 -5.35
CA PRO A 109 -1.92 -11.07 -6.67
C PRO A 109 -3.35 -10.55 -6.66
N SER A 110 -3.88 -10.25 -5.46
CA SER A 110 -5.19 -9.61 -5.22
C SER A 110 -5.07 -8.11 -5.46
N THR A 111 -3.85 -7.59 -5.64
CA THR A 111 -3.65 -6.16 -5.93
C THR A 111 -4.51 -5.74 -7.14
N GLY A 112 -5.29 -4.67 -6.91
CA GLY A 112 -6.20 -3.96 -7.83
C GLY A 112 -7.66 -4.35 -7.66
N ALA A 113 -8.12 -4.59 -6.41
CA ALA A 113 -9.48 -5.12 -6.10
C ALA A 113 -10.04 -4.61 -4.77
N GLN A 114 -11.36 -4.39 -4.74
CA GLN A 114 -12.13 -4.20 -3.48
C GLN A 114 -12.28 -5.58 -2.83
N GLU A 115 -11.92 -5.69 -1.57
CA GLU A 115 -12.17 -6.91 -0.79
C GLU A 115 -13.69 -7.04 -0.62
N LEU A 116 -14.22 -8.24 -0.84
CA LEU A 116 -15.68 -8.54 -0.79
C LEU A 116 -16.06 -9.18 0.55
N GLY A 117 -15.09 -9.56 1.37
CA GLY A 117 -15.30 -10.24 2.64
C GLY A 117 -14.18 -11.23 2.94
N THR A 118 -14.46 -12.17 3.85
CA THR A 118 -13.50 -13.17 4.34
C THR A 118 -14.19 -14.53 4.45
N VAL A 119 -13.42 -15.61 4.31
CA VAL A 119 -13.88 -16.97 4.67
C VAL A 119 -12.86 -17.58 5.66
N GLU A 120 -13.36 -18.26 6.68
CA GLU A 120 -12.52 -18.96 7.68
C GLU A 120 -12.65 -20.44 7.36
N THR A 121 -11.55 -21.10 7.01
CA THR A 121 -11.50 -22.51 6.60
C THR A 121 -10.07 -23.04 6.74
N ASP A 122 -9.92 -24.31 7.13
CA ASP A 122 -8.64 -25.05 7.13
C ASP A 122 -7.64 -24.31 8.02
N ASP A 123 -8.08 -23.88 9.21
CA ASP A 123 -7.28 -23.23 10.28
C ASP A 123 -6.71 -21.88 9.83
N GLY A 124 -7.36 -21.24 8.88
CA GLY A 124 -6.92 -19.91 8.45
C GLY A 124 -8.07 -19.04 8.02
N THR A 125 -7.71 -17.82 7.66
CA THR A 125 -8.62 -16.77 7.19
C THR A 125 -8.19 -16.41 5.78
N TYR A 126 -9.15 -16.30 4.85
CA TYR A 126 -8.88 -15.88 3.47
C TYR A 126 -9.72 -14.63 3.17
N LYS A 127 -9.10 -13.60 2.59
CA LYS A 127 -9.75 -12.41 2.01
C LYS A 127 -10.23 -12.73 0.59
N ILE A 128 -11.45 -12.32 0.27
CA ILE A 128 -12.12 -12.61 -1.03
C ILE A 128 -12.06 -11.37 -1.92
N TYR A 129 -11.65 -11.56 -3.17
CA TYR A 129 -11.61 -10.48 -4.19
C TYR A 129 -12.18 -10.96 -5.52
N GLN A 130 -12.63 -10.01 -6.31
CA GLN A 130 -12.95 -10.27 -7.72
C GLN A 130 -12.25 -9.25 -8.59
N THR A 131 -11.70 -9.71 -9.71
CA THR A 131 -11.16 -8.82 -10.76
C THR A 131 -11.63 -9.31 -12.13
N THR A 132 -11.18 -8.61 -13.17
CA THR A 132 -11.46 -8.93 -14.60
C THR A 132 -10.15 -9.02 -15.36
N ARG A 133 -10.06 -9.97 -16.29
CA ARG A 133 -8.96 -10.12 -17.27
C ARG A 133 -9.55 -9.85 -18.65
N GLU A 134 -8.99 -8.89 -19.38
CA GLU A 134 -9.53 -8.52 -20.71
C GLU A 134 -8.55 -9.00 -21.78
N ASN A 135 -9.08 -9.66 -22.80
CA ASN A 135 -8.32 -10.07 -24.01
C ASN A 135 -7.11 -10.90 -23.55
N ALA A 136 -7.35 -11.86 -22.65
CA ALA A 136 -6.31 -12.59 -21.87
C ALA A 136 -6.26 -14.06 -22.28
N PRO A 137 -5.12 -14.77 -22.15
CA PRO A 137 -5.09 -16.21 -22.38
C PRO A 137 -6.06 -16.93 -21.44
N SER A 138 -6.67 -17.97 -21.98
CA SER A 138 -7.62 -18.77 -21.18
C SER A 138 -7.75 -20.17 -21.74
N ILE A 139 -8.49 -21.03 -21.05
CA ILE A 139 -8.72 -22.44 -21.48
C ILE A 139 -9.61 -22.41 -22.73
N GLU A 140 -10.11 -21.24 -23.10
CA GLU A 140 -10.97 -21.09 -24.32
C GLU A 140 -10.23 -20.29 -25.39
N GLY A 141 -8.96 -19.95 -25.16
CA GLY A 141 -8.21 -19.04 -26.06
C GLY A 141 -8.33 -17.60 -25.60
N THR A 142 -7.99 -16.60 -26.43
CA THR A 142 -8.02 -15.19 -26.00
C THR A 142 -9.43 -14.82 -25.55
N ALA A 143 -9.60 -14.30 -24.34
CA ALA A 143 -10.95 -14.10 -23.75
C ALA A 143 -10.94 -13.02 -22.66
N THR A 144 -12.16 -12.57 -22.34
CA THR A 144 -12.51 -11.67 -21.20
C THR A 144 -13.23 -12.52 -20.15
N PHE A 145 -12.75 -12.49 -18.91
CA PHE A 145 -13.34 -13.39 -17.89
C PHE A 145 -13.12 -12.80 -16.50
N ASN A 146 -13.95 -13.26 -15.58
CA ASN A 146 -13.91 -12.92 -14.13
C ASN A 146 -12.76 -13.75 -13.52
N GLN A 147 -12.03 -13.13 -12.60
CA GLN A 147 -11.04 -13.84 -11.74
C GLN A 147 -11.48 -13.73 -10.30
N TYR A 148 -11.57 -14.84 -9.56
CA TYR A 148 -11.96 -14.80 -8.14
C TYR A 148 -10.73 -15.20 -7.33
N TRP A 149 -10.52 -14.55 -6.21
CA TRP A 149 -9.38 -14.80 -5.30
C TRP A 149 -9.88 -15.14 -3.89
N SER A 150 -9.27 -16.15 -3.27
CA SER A 150 -9.24 -16.34 -1.79
C SER A 150 -7.77 -16.32 -1.42
N VAL A 151 -7.36 -15.36 -0.59
CA VAL A 151 -5.91 -15.13 -0.28
C VAL A 151 -5.72 -15.33 1.22
N ARG A 152 -5.01 -16.35 1.56
CA ARG A 152 -4.76 -16.75 2.96
C ARG A 152 -3.96 -15.64 3.63
N THR A 153 -4.42 -15.19 4.82
CA THR A 153 -3.71 -14.11 5.55
C THR A 153 -2.41 -14.61 6.18
N ASP A 154 -2.30 -15.90 6.54
CA ASP A 154 -1.11 -16.54 7.17
C ASP A 154 -0.58 -17.54 6.15
N HIS A 155 0.41 -17.14 5.39
CA HIS A 155 0.93 -17.95 4.28
C HIS A 155 1.40 -19.30 4.79
N ARG A 156 1.20 -20.35 4.00
CA ARG A 156 1.66 -21.71 4.35
C ARG A 156 1.97 -22.49 3.08
N VAL A 157 2.73 -23.56 3.27
CA VAL A 157 3.11 -24.61 2.27
C VAL A 157 2.69 -25.97 2.80
N GLY A 158 1.55 -26.44 2.32
CA GLY A 158 0.96 -27.72 2.71
C GLY A 158 -0.27 -27.53 3.55
N GLY A 159 -0.99 -28.61 3.75
CA GLY A 159 -2.20 -28.68 4.56
C GLY A 159 -3.37 -29.10 3.71
N THR A 160 -4.57 -28.75 4.17
CA THR A 160 -5.85 -29.16 3.58
C THR A 160 -6.53 -27.90 3.03
N VAL A 161 -7.09 -28.00 1.83
CA VAL A 161 -7.99 -26.97 1.27
C VAL A 161 -9.37 -27.57 1.04
N THR A 162 -10.37 -27.08 1.78
CA THR A 162 -11.78 -27.50 1.62
C THR A 162 -12.37 -26.60 0.55
N THR A 163 -12.21 -26.99 -0.70
CA THR A 163 -12.50 -26.08 -1.84
C THR A 163 -13.97 -25.66 -1.80
N GLN A 164 -14.87 -26.53 -1.36
CA GLN A 164 -16.29 -26.17 -1.33
C GLN A 164 -16.53 -24.96 -0.43
N ASN A 165 -15.80 -24.76 0.69
CA ASN A 165 -16.02 -23.58 1.58
C ASN A 165 -15.67 -22.28 0.83
N HIS A 166 -14.67 -22.33 -0.02
CA HIS A 166 -14.27 -21.16 -0.85
C HIS A 166 -15.39 -20.89 -1.87
N PHE A 167 -15.76 -21.91 -2.61
CA PHE A 167 -16.80 -21.79 -3.68
C PHE A 167 -18.06 -21.17 -3.02
N ASP A 168 -18.45 -21.68 -1.86
CA ASP A 168 -19.65 -21.22 -1.10
C ASP A 168 -19.48 -19.75 -0.73
N ALA A 169 -18.31 -19.35 -0.24
CA ALA A 169 -18.08 -17.95 0.20
C ALA A 169 -18.17 -17.03 -1.02
N TRP A 170 -17.62 -17.46 -2.13
CA TRP A 170 -17.66 -16.69 -3.39
C TRP A 170 -19.11 -16.53 -3.85
N LYS A 171 -19.89 -17.60 -3.81
CA LYS A 171 -21.32 -17.55 -4.24
C LYS A 171 -22.07 -16.60 -3.28
N ASN A 172 -21.75 -16.67 -1.99
CA ASN A 172 -22.36 -15.81 -0.93
C ASN A 172 -22.05 -14.33 -1.16
N ALA A 173 -20.88 -14.00 -1.69
CA ALA A 173 -20.44 -12.62 -2.00
C ALA A 173 -21.02 -12.16 -3.33
N GLY A 174 -21.82 -12.99 -4.01
CA GLY A 174 -22.45 -12.65 -5.30
C GLY A 174 -21.61 -13.05 -6.52
N LEU A 175 -20.57 -13.88 -6.36
CA LEU A 175 -19.64 -14.32 -7.45
C LEU A 175 -20.16 -15.63 -8.06
N GLU A 176 -20.64 -15.55 -9.30
CA GLU A 176 -21.22 -16.73 -10.01
C GLU A 176 -20.10 -17.63 -10.56
N MET A 177 -20.25 -18.93 -10.40
CA MET A 177 -19.36 -19.98 -10.94
C MET A 177 -20.12 -20.75 -12.02
N GLY A 178 -19.42 -21.24 -13.04
CA GLY A 178 -19.99 -22.08 -14.09
C GLY A 178 -19.75 -23.55 -13.81
N THR A 179 -19.71 -24.31 -14.89
CA THR A 179 -19.37 -25.75 -14.98
C THR A 179 -17.88 -25.88 -14.75
N HIS A 180 -17.50 -26.73 -13.80
CA HIS A 180 -16.08 -26.84 -13.42
C HIS A 180 -15.32 -27.49 -14.57
N ASN A 181 -14.20 -26.87 -14.95
CA ASN A 181 -13.12 -27.46 -15.78
C ASN A 181 -12.02 -27.88 -14.81
N TYR A 182 -10.76 -27.65 -15.11
CA TYR A 182 -9.69 -28.31 -14.30
C TYR A 182 -9.55 -27.61 -12.98
N MET A 183 -8.99 -28.33 -12.01
CA MET A 183 -8.64 -27.78 -10.69
C MET A 183 -7.33 -28.45 -10.31
N ILE A 184 -6.27 -27.68 -10.06
CA ILE A 184 -4.92 -28.23 -9.77
C ILE A 184 -4.30 -27.49 -8.58
N VAL A 185 -3.28 -28.12 -7.98
CA VAL A 185 -2.43 -27.44 -6.99
C VAL A 185 -1.29 -26.86 -7.79
N ALA A 186 -1.34 -25.56 -7.99
CA ALA A 186 -0.53 -24.85 -8.97
C ALA A 186 0.58 -24.07 -8.29
N THR A 187 1.71 -24.14 -8.93
CA THR A 187 2.83 -23.18 -8.81
C THR A 187 2.78 -22.19 -9.97
N ALA A 188 2.75 -20.88 -9.66
CA ALA A 188 2.68 -19.80 -10.66
C ALA A 188 3.87 -18.89 -10.42
N GLY A 189 4.32 -18.22 -11.46
CA GLY A 189 5.45 -17.31 -11.31
C GLY A 189 5.42 -16.29 -12.40
N TYR A 190 6.01 -15.13 -12.15
CA TYR A 190 6.14 -14.08 -13.17
C TYR A 190 7.44 -13.32 -12.93
N GLN A 191 8.31 -13.22 -13.94
CA GLN A 191 9.58 -12.45 -13.88
C GLN A 191 10.32 -12.79 -12.59
N SER A 192 10.58 -14.07 -12.39
CA SER A 192 11.17 -14.56 -11.12
C SER A 192 11.97 -15.81 -11.42
N SER A 193 12.64 -16.37 -10.40
CA SER A 193 13.31 -17.68 -10.50
C SER A 193 12.83 -18.46 -9.27
N GLY A 194 12.93 -19.76 -9.34
CA GLY A 194 12.74 -20.62 -8.18
C GLY A 194 12.62 -22.08 -8.52
N SER A 195 12.11 -22.81 -7.55
CA SER A 195 11.85 -24.26 -7.72
C SER A 195 10.74 -24.64 -6.79
N ALA A 196 10.01 -25.69 -7.14
CA ALA A 196 8.96 -26.21 -6.25
C ALA A 196 8.83 -27.68 -6.56
N SER A 197 8.41 -28.43 -5.54
CA SER A 197 8.20 -29.89 -5.62
C SER A 197 6.98 -30.17 -4.79
N ILE A 198 5.85 -30.43 -5.45
CA ILE A 198 4.54 -30.46 -4.78
C ILE A 198 3.88 -31.81 -5.02
N THR A 199 3.30 -32.38 -3.99
CA THR A 199 2.58 -33.67 -4.09
C THR A 199 1.13 -33.48 -3.73
N VAL A 200 0.24 -33.77 -4.68
CA VAL A 200 -1.22 -33.73 -4.42
C VAL A 200 -1.58 -35.12 -3.90
N GLN A 201 -2.14 -35.24 -2.70
CA GLN A 201 -2.47 -36.60 -2.15
C GLN A 201 -4.00 -36.77 -2.18
N GLU B 13 5.17 12.14 -0.89
CA GLU B 13 4.75 13.50 -1.36
C GLU B 13 4.32 13.49 -2.83
N ILE B 14 4.87 12.66 -3.72
CA ILE B 14 4.46 12.54 -5.17
C ILE B 14 3.96 11.09 -5.41
N THR B 15 2.72 10.87 -5.86
CA THR B 15 2.17 9.49 -6.11
C THR B 15 1.74 9.27 -7.57
N SER B 16 1.84 10.28 -8.42
CA SER B 16 1.58 10.19 -9.88
C SER B 16 2.76 10.83 -10.60
N SER B 17 2.96 10.42 -11.85
CA SER B 17 4.10 10.81 -12.69
C SER B 17 4.28 12.33 -12.75
N GLU B 18 5.52 12.77 -12.61
CA GLU B 18 5.85 14.20 -12.75
C GLU B 18 7.36 14.30 -12.94
N THR B 19 7.78 15.42 -13.52
CA THR B 19 9.17 15.78 -13.70
C THR B 19 9.32 17.22 -13.27
N GLY B 20 10.52 17.55 -12.87
CA GLY B 20 10.80 18.95 -12.52
C GLY B 20 12.23 19.09 -12.11
N THR B 21 12.55 20.24 -11.57
CA THR B 21 13.82 20.55 -10.89
C THR B 21 13.55 20.57 -9.40
N ASN B 22 14.52 20.11 -8.63
CA ASN B 22 14.44 20.09 -7.16
C ASN B 22 15.86 20.29 -6.63
N ASN B 23 16.14 21.47 -6.11
CA ASN B 23 17.45 21.72 -5.44
C ASN B 23 18.60 21.50 -6.44
N GLY B 24 18.42 21.99 -7.67
CA GLY B 24 19.44 22.02 -8.74
C GLY B 24 19.63 20.69 -9.42
N TYR B 25 18.76 19.71 -9.16
CA TYR B 25 18.77 18.42 -9.86
C TYR B 25 17.51 18.30 -10.69
N TYR B 26 17.63 17.76 -11.89
CA TYR B 26 16.49 17.21 -12.66
C TYR B 26 15.92 16.08 -11.82
N TYR B 27 14.62 15.88 -11.82
CA TYR B 27 14.03 14.63 -11.26
C TYR B 27 12.96 14.15 -12.22
N SER B 28 12.84 12.82 -12.30
CA SER B 28 11.73 12.17 -13.01
C SER B 28 11.13 11.13 -12.08
N PHE B 29 9.81 11.15 -11.96
CA PHE B 29 9.03 10.08 -11.27
C PHE B 29 8.01 9.61 -12.29
N TRP B 30 8.18 8.38 -12.79
CA TRP B 30 7.22 7.80 -13.75
C TRP B 30 6.61 6.55 -13.11
N THR B 31 5.28 6.45 -13.08
CA THR B 31 4.60 5.22 -12.63
C THR B 31 3.45 4.92 -13.59
N ASP B 32 3.23 3.64 -13.92
CA ASP B 32 2.02 3.26 -14.71
C ASP B 32 0.77 3.37 -13.80
N GLY B 33 0.94 3.61 -12.49
CA GLY B 33 -0.16 3.85 -11.55
C GLY B 33 -0.62 2.59 -10.82
N GLY B 34 0.02 1.45 -11.04
CA GLY B 34 -0.28 0.23 -10.27
C GLY B 34 0.17 0.31 -8.83
N GLY B 35 -0.61 -0.24 -7.89
CA GLY B 35 -0.25 -0.36 -6.47
C GLY B 35 -0.04 1.00 -5.84
N GLN B 36 0.91 1.09 -4.93
CA GLN B 36 1.22 2.35 -4.24
C GLN B 36 2.69 2.64 -4.47
N VAL B 37 3.01 3.78 -5.05
CA VAL B 37 4.42 4.21 -5.22
C VAL B 37 4.48 5.65 -4.76
N THR B 38 5.30 5.94 -3.76
CA THR B 38 5.41 7.30 -3.19
C THR B 38 6.84 7.78 -3.35
N TYR B 39 7.01 8.89 -4.05
CA TYR B 39 8.33 9.51 -4.31
C TYR B 39 8.46 10.80 -3.48
N THR B 40 9.61 11.01 -2.84
CA THR B 40 9.83 12.26 -2.06
C THR B 40 11.17 12.87 -2.45
N ASN B 41 11.20 14.12 -2.92
CA ASN B 41 12.47 14.87 -3.04
C ASN B 41 12.97 15.27 -1.66
N GLY B 42 14.27 15.09 -1.44
CA GLY B 42 15.04 15.54 -0.27
C GLY B 42 15.99 16.66 -0.67
N PRO B 43 16.84 17.11 0.26
CA PRO B 43 17.79 18.20 -0.01
C PRO B 43 18.84 17.80 -1.06
N ALA B 44 19.34 18.79 -1.83
CA ALA B 44 20.45 18.56 -2.78
C ALA B 44 20.04 17.37 -3.67
N GLY B 45 20.89 16.34 -3.78
CA GLY B 45 20.67 15.25 -4.76
C GLY B 45 19.84 14.09 -4.20
N GLN B 46 19.18 14.27 -3.06
CA GLN B 46 18.52 13.14 -2.34
C GLN B 46 17.13 12.91 -2.92
N TYR B 47 16.76 11.64 -3.05
CA TYR B 47 15.34 11.27 -3.25
C TYR B 47 15.11 9.96 -2.52
N SER B 48 13.84 9.71 -2.23
CA SER B 48 13.42 8.43 -1.62
C SER B 48 12.20 7.93 -2.35
N VAL B 49 12.04 6.62 -2.42
CA VAL B 49 10.79 6.04 -2.97
C VAL B 49 10.42 4.85 -2.09
N GLU B 50 9.12 4.71 -1.88
CA GLU B 50 8.55 3.63 -1.04
C GLU B 50 7.44 3.04 -1.86
N TRP B 51 7.41 1.72 -2.04
CA TRP B 51 6.41 1.16 -2.95
C TRP B 51 5.87 -0.13 -2.36
N SER B 52 4.64 -0.43 -2.76
CA SER B 52 3.87 -1.56 -2.22
C SER B 52 3.04 -2.13 -3.39
N ASN B 53 3.36 -3.35 -3.84
CA ASN B 53 2.58 -4.06 -4.88
C ASN B 53 2.45 -3.17 -6.10
N SER B 54 3.55 -2.54 -6.48
CA SER B 54 3.66 -1.59 -7.61
C SER B 54 3.29 -2.24 -8.93
N GLY B 55 2.87 -1.41 -9.89
CA GLY B 55 3.05 -1.74 -11.30
C GLY B 55 4.46 -1.38 -11.71
N ASN B 56 4.63 -0.78 -12.87
CA ASN B 56 6.00 -0.39 -13.35
C ASN B 56 6.26 1.03 -12.85
N PHE B 57 7.43 1.31 -12.25
CA PHE B 57 7.85 2.70 -12.03
C PHE B 57 9.34 2.81 -12.24
N VAL B 58 9.77 4.05 -12.49
CA VAL B 58 11.21 4.41 -12.63
C VAL B 58 11.33 5.84 -12.13
N ALA B 59 12.23 6.12 -11.19
CA ALA B 59 12.27 7.44 -10.57
C ALA B 59 13.69 7.76 -10.13
N GLY B 60 14.03 9.06 -10.17
CA GLY B 60 15.28 9.48 -9.53
C GLY B 60 15.75 10.82 -10.00
N LYS B 61 16.96 11.18 -9.55
CA LYS B 61 17.54 12.53 -9.73
C LYS B 61 18.79 12.47 -10.60
N GLY B 62 19.05 13.59 -11.27
CA GLY B 62 20.29 13.76 -12.01
C GLY B 62 20.30 15.04 -12.81
N TRP B 63 20.45 14.91 -14.11
CA TRP B 63 20.85 16.02 -15.01
C TRP B 63 19.99 16.03 -16.27
N ASN B 64 19.75 17.21 -16.79
CA ASN B 64 19.14 17.41 -18.11
C ASN B 64 19.83 18.62 -18.70
N PRO B 65 20.59 18.48 -19.81
CA PRO B 65 20.88 17.18 -20.43
C PRO B 65 21.97 16.39 -19.70
N GLY B 66 21.94 15.05 -19.79
CA GLY B 66 23.15 14.26 -19.46
C GLY B 66 24.34 14.73 -20.29
N SER B 67 25.53 14.81 -19.72
CA SER B 67 26.76 15.16 -20.50
C SER B 67 27.85 14.09 -20.33
N SER B 68 27.46 12.83 -20.20
CA SER B 68 28.43 11.71 -20.14
C SER B 68 29.37 11.92 -18.94
N GLN B 69 28.83 12.43 -17.83
CA GLN B 69 29.70 12.70 -16.66
C GLN B 69 29.92 11.42 -15.86
N THR B 70 30.99 11.43 -15.07
CA THR B 70 31.27 10.43 -14.02
C THR B 70 30.35 10.74 -12.83
N ILE B 71 29.53 9.76 -12.47
CA ILE B 71 28.47 9.87 -11.44
C ILE B 71 28.95 9.22 -10.14
N THR B 72 28.75 9.87 -9.01
CA THR B 72 28.93 9.25 -7.69
C THR B 72 27.60 9.41 -6.97
N TYR B 73 27.20 8.40 -6.23
CA TYR B 73 25.95 8.46 -5.48
C TYR B 73 26.12 7.56 -4.26
N SER B 74 25.26 7.75 -3.27
CA SER B 74 25.28 6.94 -2.03
C SER B 74 23.86 6.60 -1.64
N GLY B 75 23.72 5.71 -0.67
CA GLY B 75 22.43 5.49 0.01
C GLY B 75 22.12 4.01 0.10
N GLU B 76 20.83 3.68 0.02
CA GLU B 76 20.26 2.39 0.45
C GLU B 76 19.21 2.01 -0.59
N TRP B 77 19.14 0.74 -0.99
CA TRP B 77 18.09 0.22 -1.90
C TRP B 77 17.63 -1.13 -1.36
N ASN B 78 16.38 -1.20 -0.90
CA ASN B 78 15.84 -2.31 -0.08
C ASN B 78 14.60 -2.86 -0.79
N PRO B 79 14.75 -3.59 -1.91
CA PRO B 79 13.58 -4.16 -2.57
C PRO B 79 13.14 -5.49 -1.94
N ASN B 80 11.89 -5.80 -2.14
CA ASN B 80 11.26 -7.11 -1.89
C ASN B 80 10.56 -7.47 -3.20
N GLY B 81 11.29 -8.16 -4.08
CA GLY B 81 10.89 -8.52 -5.45
C GLY B 81 11.58 -7.66 -6.48
N ASN B 82 11.02 -7.62 -7.67
CA ASN B 82 11.70 -7.16 -8.90
C ASN B 82 11.98 -5.67 -8.79
N SER B 83 13.26 -5.34 -8.76
CA SER B 83 13.70 -3.94 -8.70
C SER B 83 15.12 -3.83 -9.22
N TYR B 84 15.50 -2.68 -9.77
CA TYR B 84 16.91 -2.45 -10.10
C TYR B 84 17.26 -1.00 -9.88
N LEU B 85 18.55 -0.84 -9.65
CA LEU B 85 19.23 0.43 -9.38
C LEU B 85 20.20 0.67 -10.51
N SER B 86 20.07 1.82 -11.19
CA SER B 86 20.77 2.02 -12.47
C SER B 86 21.06 3.50 -12.70
N VAL B 87 22.04 3.77 -13.55
CA VAL B 87 22.10 5.05 -14.28
C VAL B 87 21.20 4.87 -15.48
N TYR B 88 20.27 5.79 -15.65
CA TYR B 88 19.15 5.61 -16.58
C TYR B 88 19.04 6.89 -17.39
N GLY B 89 18.75 6.76 -18.66
CA GLY B 89 18.70 7.98 -19.48
C GLY B 89 18.11 7.77 -20.86
N TRP B 90 18.08 8.85 -21.62
CA TRP B 90 17.48 8.89 -22.97
C TRP B 90 18.42 9.64 -23.88
N THR B 91 18.42 9.24 -25.16
CA THR B 91 18.86 10.15 -26.24
C THR B 91 17.67 10.38 -27.16
N GLN B 92 17.81 11.38 -27.98
CA GLN B 92 16.83 11.68 -29.03
C GLN B 92 17.53 11.67 -30.39
N ASN B 93 16.75 11.38 -31.42
CA ASN B 93 17.21 11.48 -32.82
C ASN B 93 18.56 10.77 -33.04
N PRO B 94 18.66 9.46 -32.87
CA PRO B 94 17.52 8.58 -32.57
C PRO B 94 17.13 8.46 -31.09
N LEU B 95 15.86 8.13 -30.90
CA LEU B 95 15.27 7.83 -29.57
C LEU B 95 15.85 6.50 -29.05
N VAL B 96 16.57 6.59 -27.93
CA VAL B 96 17.18 5.45 -27.21
C VAL B 96 16.92 5.61 -25.72
N GLU B 97 16.49 4.53 -25.09
CA GLU B 97 16.39 4.38 -23.62
C GLU B 97 17.58 3.53 -23.18
N TYR B 98 18.30 3.91 -22.13
CA TYR B 98 19.47 3.11 -21.72
C TYR B 98 19.53 2.96 -20.21
N TYR B 99 20.11 1.85 -19.80
CA TYR B 99 20.24 1.46 -18.38
C TYR B 99 21.67 0.95 -18.16
N ILE B 100 22.35 1.53 -17.18
CA ILE B 100 23.59 0.96 -16.59
C ILE B 100 23.22 0.39 -15.22
N VAL B 101 23.01 -0.93 -15.19
CA VAL B 101 22.38 -1.59 -14.04
C VAL B 101 23.47 -1.94 -13.02
N GLU B 102 23.38 -1.32 -11.85
CA GLU B 102 24.36 -1.50 -10.75
C GLU B 102 23.93 -2.66 -9.85
N SER B 103 22.63 -2.84 -9.66
CA SER B 103 22.06 -3.96 -8.88
C SER B 103 20.73 -4.31 -9.49
N PHE B 104 20.37 -5.58 -9.47
CA PHE B 104 18.97 -6.02 -9.68
C PHE B 104 18.68 -7.10 -8.66
N SER B 105 17.42 -7.35 -8.39
CA SER B 105 17.04 -8.21 -7.26
C SER B 105 16.73 -9.61 -7.81
N THR B 106 15.49 -9.84 -8.18
CA THR B 106 14.99 -11.20 -8.41
C THR B 106 14.80 -11.50 -9.90
N TYR B 107 15.06 -10.53 -10.76
CA TYR B 107 14.84 -10.67 -12.20
C TYR B 107 15.91 -9.88 -12.94
N ASP B 108 16.65 -10.55 -13.83
CA ASP B 108 17.66 -9.87 -14.67
C ASP B 108 16.94 -9.05 -15.73
N PRO B 109 16.88 -7.68 -15.65
CA PRO B 109 16.09 -6.91 -16.61
C PRO B 109 16.55 -7.00 -18.08
N SER B 110 17.75 -7.55 -18.31
CA SER B 110 18.35 -7.84 -19.63
C SER B 110 17.71 -9.08 -20.28
N THR B 111 16.93 -9.85 -19.52
CA THR B 111 16.33 -11.11 -20.02
C THR B 111 15.54 -10.76 -21.29
N GLY B 112 15.79 -11.50 -22.37
CA GLY B 112 15.07 -11.30 -23.64
C GLY B 112 15.77 -10.30 -24.53
N ALA B 113 16.86 -9.67 -24.07
CA ALA B 113 17.68 -8.77 -24.92
C ALA B 113 18.82 -9.59 -25.54
N GLN B 114 19.40 -9.06 -26.60
CA GLN B 114 20.48 -9.71 -27.38
C GLN B 114 21.84 -9.28 -26.80
N GLU B 115 22.65 -10.26 -26.39
CA GLU B 115 23.94 -10.01 -25.71
C GLU B 115 24.94 -9.68 -26.80
N LEU B 116 25.80 -8.68 -26.57
CA LEU B 116 26.69 -8.04 -27.58
C LEU B 116 28.16 -8.17 -27.18
N GLY B 117 28.46 -8.30 -25.88
CA GLY B 117 29.82 -8.28 -25.34
C GLY B 117 29.87 -7.70 -23.94
N THR B 118 31.02 -7.14 -23.54
CA THR B 118 31.29 -6.74 -22.14
C THR B 118 32.10 -5.44 -22.11
N VAL B 119 32.04 -4.73 -21.00
CA VAL B 119 32.94 -3.57 -20.74
C VAL B 119 33.42 -3.67 -19.29
N GLU B 120 34.71 -3.40 -19.09
CA GLU B 120 35.34 -3.36 -17.74
C GLU B 120 35.45 -1.90 -17.34
N THR B 121 34.83 -1.51 -16.23
CA THR B 121 34.82 -0.10 -15.78
C THR B 121 34.42 -0.05 -14.30
N ASP B 122 35.03 0.86 -13.57
CA ASP B 122 34.64 1.18 -12.16
C ASP B 122 34.74 -0.14 -11.35
N ASP B 123 35.84 -0.87 -11.53
CA ASP B 123 36.16 -2.05 -10.70
C ASP B 123 35.11 -3.15 -10.91
N GLY B 124 34.37 -3.11 -12.02
CA GLY B 124 33.38 -4.16 -12.35
C GLY B 124 33.46 -4.62 -13.80
N THR B 125 32.67 -5.65 -14.09
CA THR B 125 32.43 -6.17 -15.43
C THR B 125 30.93 -6.02 -15.70
N TYR B 126 30.61 -5.52 -16.89
CA TYR B 126 29.22 -5.32 -17.34
C TYR B 126 29.03 -6.08 -18.64
N LYS B 127 27.94 -6.81 -18.71
CA LYS B 127 27.43 -7.45 -19.94
C LYS B 127 26.61 -6.42 -20.69
N ILE B 128 26.82 -6.33 -22.00
CA ILE B 128 26.11 -5.38 -22.88
C ILE B 128 25.01 -6.08 -23.65
N TYR B 129 23.83 -5.45 -23.73
CA TYR B 129 22.69 -6.00 -24.49
C TYR B 129 21.98 -4.90 -25.27
N GLN B 130 21.24 -5.30 -26.31
CA GLN B 130 20.33 -4.39 -27.01
C GLN B 130 19.02 -5.09 -27.23
N THR B 131 17.93 -4.34 -27.09
CA THR B 131 16.59 -4.79 -27.54
C THR B 131 15.79 -3.62 -28.07
N THR B 132 14.56 -3.89 -28.46
CA THR B 132 13.64 -2.84 -28.95
C THR B 132 12.41 -2.83 -28.03
N ARG B 133 11.82 -1.63 -27.84
CA ARG B 133 10.51 -1.41 -27.19
C ARG B 133 9.53 -0.89 -28.25
N GLU B 134 8.38 -1.54 -28.38
CA GLU B 134 7.39 -1.26 -29.44
C GLU B 134 6.18 -0.57 -28.81
N ASN B 135 5.72 0.52 -29.41
CA ASN B 135 4.46 1.22 -29.00
C ASN B 135 4.46 1.37 -27.47
N ALA B 136 5.55 1.92 -26.92
CA ALA B 136 5.83 1.93 -25.47
C ALA B 136 5.89 3.37 -25.00
N PRO B 137 5.73 3.62 -23.69
CA PRO B 137 5.88 4.97 -23.16
C PRO B 137 7.32 5.44 -23.40
N SER B 138 7.48 6.72 -23.68
CA SER B 138 8.80 7.33 -23.92
C SER B 138 8.75 8.80 -23.57
N ILE B 139 9.91 9.44 -23.58
CA ILE B 139 10.00 10.91 -23.42
C ILE B 139 9.35 11.62 -24.63
N GLU B 140 9.01 10.92 -25.70
CA GLU B 140 8.32 11.55 -26.87
C GLU B 140 6.87 11.07 -27.00
N GLY B 141 6.33 10.40 -25.97
CA GLY B 141 5.03 9.69 -26.00
C GLY B 141 5.17 8.28 -26.52
N THR B 142 4.05 7.68 -26.92
CA THR B 142 4.02 6.29 -27.38
C THR B 142 4.96 6.17 -28.58
N ALA B 143 5.95 5.28 -28.48
CA ALA B 143 7.00 5.23 -29.50
C ALA B 143 7.63 3.85 -29.55
N THR B 144 8.40 3.66 -30.62
CA THR B 144 9.23 2.45 -30.87
C THR B 144 10.70 2.87 -30.85
N PHE B 145 11.48 2.30 -29.94
CA PHE B 145 12.84 2.83 -29.70
C PHE B 145 13.77 1.68 -29.28
N ASN B 146 15.06 1.92 -29.47
CA ASN B 146 16.17 0.99 -29.11
C ASN B 146 16.34 1.12 -27.59
N GLN B 147 16.64 0.01 -26.95
CA GLN B 147 16.89 -0.03 -25.49
C GLN B 147 18.21 -0.74 -25.26
N TYR B 148 19.13 -0.06 -24.58
CA TYR B 148 20.52 -0.55 -24.41
C TYR B 148 20.74 -0.78 -22.90
N TRP B 149 21.43 -1.88 -22.63
CA TRP B 149 21.74 -2.33 -21.26
C TRP B 149 23.24 -2.51 -21.07
N SER B 150 23.73 -2.07 -19.90
CA SER B 150 25.00 -2.50 -19.28
C SER B 150 24.63 -3.08 -17.91
N VAL B 151 24.89 -4.35 -17.66
CA VAL B 151 24.46 -5.00 -16.40
C VAL B 151 25.68 -5.55 -15.63
N ARG B 152 25.91 -4.98 -14.47
CA ARG B 152 27.11 -5.31 -13.65
C ARG B 152 27.01 -6.76 -13.21
N THR B 153 28.12 -7.51 -13.30
CA THR B 153 28.13 -8.95 -12.91
C THR B 153 28.21 -9.10 -11.37
N ASP B 154 28.78 -8.15 -10.65
CA ASP B 154 28.89 -8.10 -9.17
C ASP B 154 28.05 -6.91 -8.68
N HIS B 155 26.84 -7.18 -8.19
CA HIS B 155 25.87 -6.14 -7.78
C HIS B 155 26.47 -5.20 -6.73
N ARG B 156 26.15 -3.92 -6.83
CA ARG B 156 26.51 -2.99 -5.77
C ARG B 156 25.51 -1.85 -5.64
N VAL B 157 25.61 -1.20 -4.51
CA VAL B 157 24.83 0.03 -4.15
C VAL B 157 25.80 1.13 -3.76
N GLY B 158 26.05 2.01 -4.72
CA GLY B 158 26.99 3.13 -4.57
C GLY B 158 28.25 2.93 -5.35
N GLY B 159 29.20 3.84 -5.15
CA GLY B 159 30.42 3.85 -5.95
C GLY B 159 30.30 4.87 -7.06
N THR B 160 31.07 4.69 -8.11
CA THR B 160 31.25 5.66 -9.20
C THR B 160 30.89 4.96 -10.49
N VAL B 161 30.17 5.66 -11.37
CA VAL B 161 29.82 5.17 -12.71
C VAL B 161 30.41 6.15 -13.70
N THR B 162 31.41 5.68 -14.44
CA THR B 162 32.05 6.47 -15.53
C THR B 162 31.20 6.23 -16.77
N THR B 163 30.15 7.02 -16.93
CA THR B 163 29.13 6.78 -18.01
C THR B 163 29.81 6.75 -19.38
N GLN B 164 30.85 7.55 -19.61
CA GLN B 164 31.47 7.67 -20.95
C GLN B 164 32.06 6.31 -21.36
N ASN B 165 32.50 5.47 -20.40
CA ASN B 165 33.04 4.13 -20.74
C ASN B 165 31.91 3.20 -21.27
N HIS B 166 30.69 3.31 -20.71
CA HIS B 166 29.53 2.54 -21.21
C HIS B 166 29.12 3.02 -22.59
N PHE B 167 28.98 4.33 -22.75
CA PHE B 167 28.56 4.89 -24.06
C PHE B 167 29.57 4.47 -25.14
N ASP B 168 30.86 4.60 -24.82
CA ASP B 168 31.96 4.22 -25.74
C ASP B 168 31.78 2.75 -26.12
N ALA B 169 31.58 1.87 -25.13
CA ALA B 169 31.51 0.40 -25.36
C ALA B 169 30.28 0.11 -26.23
N TRP B 170 29.17 0.79 -25.98
CA TRP B 170 27.96 0.62 -26.80
C TRP B 170 28.22 1.05 -28.25
N LYS B 171 28.84 2.22 -28.46
CA LYS B 171 29.05 2.79 -29.80
C LYS B 171 30.03 1.91 -30.57
N ASN B 172 31.06 1.47 -29.85
CA ASN B 172 32.14 0.58 -30.36
C ASN B 172 31.53 -0.73 -30.84
N ALA B 173 30.46 -1.19 -30.17
CA ALA B 173 29.69 -2.43 -30.47
C ALA B 173 28.64 -2.21 -31.57
N GLY B 174 28.57 -0.99 -32.12
CA GLY B 174 27.67 -0.65 -33.24
C GLY B 174 26.32 -0.13 -32.82
N LEU B 175 26.12 0.20 -31.53
CA LEU B 175 24.84 0.72 -31.01
C LEU B 175 24.81 2.24 -31.16
N GLU B 176 23.89 2.75 -31.97
CA GLU B 176 23.85 4.19 -32.29
C GLU B 176 23.12 4.96 -31.18
N MET B 177 23.70 6.09 -30.79
CA MET B 177 23.14 7.01 -29.75
C MET B 177 22.87 8.33 -30.43
N GLY B 178 21.84 9.03 -29.94
CA GLY B 178 21.50 10.39 -30.41
C GLY B 178 21.96 11.46 -29.44
N THR B 179 21.31 12.62 -29.51
CA THR B 179 21.49 13.76 -28.59
C THR B 179 21.00 13.40 -27.19
N HIS B 180 21.81 13.62 -26.16
CA HIS B 180 21.44 13.24 -24.77
C HIS B 180 20.28 14.13 -24.26
N ASN B 181 19.27 13.47 -23.73
CA ASN B 181 18.21 14.12 -22.91
C ASN B 181 18.60 13.81 -21.46
N TYR B 182 17.66 13.39 -20.64
CA TYR B 182 17.97 13.32 -19.19
C TYR B 182 18.81 12.08 -18.87
N MET B 183 19.47 12.15 -17.71
CA MET B 183 20.26 11.05 -17.15
C MET B 183 20.12 11.12 -15.62
N ILE B 184 19.62 10.05 -15.00
CA ILE B 184 19.32 10.03 -13.55
C ILE B 184 19.89 8.78 -12.93
N VAL B 185 20.08 8.83 -11.62
CA VAL B 185 20.33 7.60 -10.85
C VAL B 185 18.96 7.11 -10.42
N ALA B 186 18.51 6.02 -11.00
CA ALA B 186 17.10 5.64 -10.94
C ALA B 186 16.92 4.37 -10.14
N THR B 187 15.87 4.37 -9.37
CA THR B 187 15.22 3.21 -8.76
C THR B 187 14.05 2.76 -9.63
N ALA B 188 14.01 1.48 -10.02
CA ALA B 188 12.88 0.97 -10.84
C ALA B 188 12.27 -0.21 -10.07
N GLY B 189 11.00 -0.45 -10.31
CA GLY B 189 10.38 -1.63 -9.68
C GLY B 189 9.23 -2.09 -10.53
N TYR B 190 8.86 -3.35 -10.38
CA TYR B 190 7.72 -3.93 -11.12
C TYR B 190 7.18 -5.08 -10.29
N GLN B 191 5.91 -5.01 -9.93
CA GLN B 191 5.18 -6.07 -9.18
C GLN B 191 6.02 -6.46 -7.94
N SER B 192 6.40 -5.45 -7.15
CA SER B 192 7.26 -5.61 -5.95
C SER B 192 6.90 -4.57 -4.90
N SER B 193 7.60 -4.62 -3.77
CA SER B 193 7.49 -3.63 -2.69
C SER B 193 8.93 -3.25 -2.36
N GLY B 194 9.09 -2.13 -1.70
CA GLY B 194 10.40 -1.81 -1.14
C GLY B 194 10.56 -0.36 -0.85
N SER B 195 11.79 -0.03 -0.50
CA SER B 195 12.12 1.38 -0.24
C SER B 195 13.53 1.62 -0.69
N ALA B 196 13.83 2.89 -0.98
CA ALA B 196 15.17 3.30 -1.38
C ALA B 196 15.36 4.75 -1.00
N SER B 197 16.58 5.11 -0.68
CA SER B 197 16.93 6.50 -0.34
C SER B 197 18.30 6.72 -0.92
N ILE B 198 18.38 7.54 -1.96
CA ILE B 198 19.58 7.63 -2.84
C ILE B 198 19.96 9.11 -2.90
N THR B 199 21.23 9.40 -2.75
CA THR B 199 21.76 10.77 -2.83
C THR B 199 22.75 10.83 -3.99
N VAL B 200 22.43 11.61 -5.04
CA VAL B 200 23.37 11.82 -6.15
C VAL B 200 24.29 12.96 -5.71
N GLN B 201 25.59 12.82 -5.90
CA GLN B 201 26.61 13.85 -5.52
C GLN B 201 27.28 14.40 -6.78
N GLU C 13 -16.92 31.89 15.09
CA GLU C 13 -17.65 32.19 16.36
C GLU C 13 -18.78 31.17 16.57
N ILE C 14 -18.78 30.04 15.86
CA ILE C 14 -19.78 28.97 16.09
C ILE C 14 -19.02 27.65 16.24
N THR C 15 -19.44 26.82 17.21
CA THR C 15 -18.68 25.61 17.62
C THR C 15 -19.58 24.37 17.60
N SER C 16 -20.83 24.49 17.19
CA SER C 16 -21.73 23.34 16.92
C SER C 16 -22.40 23.52 15.55
N SER C 17 -22.90 22.41 15.00
CA SER C 17 -23.38 22.32 13.60
C SER C 17 -24.45 23.38 13.32
N GLU C 18 -24.37 24.01 12.16
CA GLU C 18 -25.32 25.08 11.77
C GLU C 18 -25.28 25.19 10.25
N THR C 19 -26.41 25.55 9.64
CA THR C 19 -26.47 25.99 8.23
C THR C 19 -27.15 27.35 8.19
N GLY C 20 -27.00 28.03 7.07
CA GLY C 20 -27.67 29.32 6.86
C GLY C 20 -27.21 29.96 5.58
N THR C 21 -27.45 31.25 5.48
CA THR C 21 -26.92 32.09 4.39
C THR C 21 -26.14 33.21 5.03
N ASN C 22 -25.04 33.59 4.39
CA ASN C 22 -24.15 34.63 4.91
C ASN C 22 -23.53 35.39 3.76
N ASN C 23 -23.79 36.69 3.69
CA ASN C 23 -23.23 37.57 2.64
C ASN C 23 -23.47 36.99 1.24
N GLY C 24 -24.64 36.38 1.00
CA GLY C 24 -25.11 35.97 -0.31
C GLY C 24 -24.79 34.52 -0.62
N TYR C 25 -24.13 33.82 0.30
CA TYR C 25 -23.68 32.41 0.14
C TYR C 25 -24.34 31.51 1.18
N TYR C 26 -24.74 30.34 0.74
CA TYR C 26 -25.12 29.21 1.63
C TYR C 26 -23.89 28.82 2.44
N TYR C 27 -24.05 28.48 3.71
CA TYR C 27 -22.92 27.88 4.49
C TYR C 27 -23.44 26.66 5.22
N SER C 28 -22.57 25.65 5.32
CA SER C 28 -22.85 24.44 6.13
C SER C 28 -21.65 24.23 7.07
N PHE C 29 -21.91 24.13 8.36
CA PHE C 29 -20.90 23.72 9.35
C PHE C 29 -21.47 22.51 10.09
N TRP C 30 -20.81 21.38 9.95
CA TRP C 30 -21.18 20.15 10.67
C TRP C 30 -19.98 19.68 11.47
N THR C 31 -20.17 19.36 12.73
CA THR C 31 -19.13 18.69 13.53
C THR C 31 -19.82 17.66 14.40
N ASP C 32 -19.17 16.53 14.61
CA ASP C 32 -19.68 15.47 15.51
C ASP C 32 -19.46 15.86 16.98
N GLY C 33 -18.74 16.95 17.28
CA GLY C 33 -18.58 17.53 18.63
C GLY C 33 -17.28 17.13 19.32
N GLY C 34 -16.41 16.35 18.67
CA GLY C 34 -15.10 16.01 19.25
C GLY C 34 -14.12 17.17 19.20
N GLY C 35 -13.20 17.24 20.15
CA GLY C 35 -12.18 18.31 20.23
C GLY C 35 -12.77 19.70 20.27
N GLN C 36 -12.08 20.66 19.65
CA GLN C 36 -12.62 22.02 19.43
C GLN C 36 -12.50 22.31 17.94
N VAL C 37 -13.62 22.70 17.33
CA VAL C 37 -13.76 23.12 15.91
C VAL C 37 -14.55 24.43 15.98
N THR C 38 -13.96 25.54 15.49
CA THR C 38 -14.51 26.90 15.58
C THR C 38 -14.63 27.41 14.14
N TYR C 39 -15.85 27.63 13.66
CA TYR C 39 -16.17 28.11 12.31
C TYR C 39 -16.51 29.59 12.37
N THR C 40 -16.03 30.39 11.42
CA THR C 40 -16.36 31.83 11.34
C THR C 40 -16.73 32.17 9.91
N ASN C 41 -17.89 32.80 9.69
CA ASN C 41 -18.24 33.45 8.41
C ASN C 41 -17.49 34.77 8.28
N GLY C 42 -17.00 35.00 7.07
CA GLY C 42 -16.33 36.24 6.68
C GLY C 42 -17.09 36.96 5.59
N PRO C 43 -16.49 38.05 5.09
CA PRO C 43 -17.09 38.82 4.01
C PRO C 43 -17.26 38.01 2.72
N ALA C 44 -18.38 38.24 2.00
CA ALA C 44 -18.74 37.61 0.71
C ALA C 44 -18.62 36.08 0.84
N GLY C 45 -17.78 35.43 0.03
CA GLY C 45 -17.72 33.95 0.02
C GLY C 45 -16.68 33.41 1.00
N GLN C 46 -16.24 34.19 1.99
CA GLN C 46 -15.11 33.78 2.85
C GLN C 46 -15.62 33.03 4.08
N TYR C 47 -14.91 31.98 4.48
CA TYR C 47 -15.08 31.40 5.82
C TYR C 47 -13.71 31.00 6.34
N SER C 48 -13.63 30.82 7.64
CA SER C 48 -12.47 30.24 8.31
C SER C 48 -12.93 29.15 9.28
N VAL C 49 -12.05 28.21 9.52
CA VAL C 49 -12.26 27.20 10.57
C VAL C 49 -10.92 26.95 11.26
N GLU C 50 -10.97 26.84 12.58
CA GLU C 50 -9.77 26.58 13.41
C GLU C 50 -10.12 25.33 14.21
N TRP C 51 -9.28 24.30 14.19
CA TRP C 51 -9.62 23.05 14.91
C TRP C 51 -8.43 22.49 15.70
N SER C 52 -8.75 21.78 16.77
CA SER C 52 -7.74 21.22 17.70
C SER C 52 -8.24 19.84 18.15
N ASN C 53 -7.52 18.79 17.81
CA ASN C 53 -7.82 17.41 18.28
C ASN C 53 -9.27 17.07 17.99
N SER C 54 -9.70 17.42 16.77
CA SER C 54 -11.10 17.29 16.31
C SER C 54 -11.58 15.82 16.29
N GLY C 55 -12.90 15.66 16.33
CA GLY C 55 -13.58 14.53 15.71
C GLY C 55 -13.72 14.76 14.23
N ASN C 56 -14.82 14.30 13.65
CA ASN C 56 -15.18 14.56 12.25
C ASN C 56 -15.81 15.96 12.13
N PHE C 57 -15.42 16.75 11.13
CA PHE C 57 -16.14 18.00 10.80
C PHE C 57 -16.03 18.27 9.30
N VAL C 58 -17.00 18.97 8.75
CA VAL C 58 -17.01 19.44 7.33
C VAL C 58 -17.63 20.83 7.35
N ALA C 59 -16.97 21.83 6.77
CA ALA C 59 -17.45 23.22 6.85
C ALA C 59 -17.15 23.90 5.52
N GLY C 60 -18.07 24.70 5.04
CA GLY C 60 -17.75 25.66 3.99
C GLY C 60 -18.93 26.46 3.46
N LYS C 61 -18.66 27.26 2.44
CA LYS C 61 -19.64 28.09 1.72
C LYS C 61 -19.87 27.62 0.28
N GLY C 62 -21.08 27.88 -0.22
CA GLY C 62 -21.44 27.65 -1.63
C GLY C 62 -22.91 27.91 -1.85
N TRP C 63 -23.65 26.86 -2.19
CA TRP C 63 -25.01 26.99 -2.76
C TRP C 63 -25.91 25.88 -2.24
N ASN C 64 -27.18 26.21 -2.02
CA ASN C 64 -28.15 25.12 -1.76
C ASN C 64 -29.49 25.50 -2.36
N PRO C 65 -29.94 24.83 -3.45
CA PRO C 65 -29.22 23.76 -4.12
C PRO C 65 -28.02 24.17 -4.96
N GLY C 66 -27.07 23.24 -5.12
CA GLY C 66 -25.97 23.36 -6.08
C GLY C 66 -26.49 23.22 -7.50
N SER C 67 -25.87 23.93 -8.41
CA SER C 67 -26.02 23.77 -9.86
C SER C 67 -24.73 23.08 -10.32
N SER C 68 -24.42 23.12 -11.60
CA SER C 68 -23.18 22.47 -12.09
C SER C 68 -22.22 23.60 -12.41
N GLN C 69 -22.12 24.56 -11.49
CA GLN C 69 -21.46 25.86 -11.75
C GLN C 69 -19.94 25.64 -11.67
N THR C 70 -19.20 26.35 -12.49
CA THR C 70 -17.73 26.45 -12.38
C THR C 70 -17.40 27.28 -11.15
N ILE C 71 -16.62 26.70 -10.24
CA ILE C 71 -16.31 27.36 -8.94
C ILE C 71 -14.90 27.89 -9.03
N THR C 72 -14.68 29.05 -8.46
CA THR C 72 -13.34 29.65 -8.26
C THR C 72 -13.17 29.85 -6.76
N TYR C 73 -12.05 29.40 -6.21
CA TYR C 73 -11.80 29.56 -4.76
C TYR C 73 -10.32 29.89 -4.59
N SER C 74 -10.02 30.48 -3.45
CA SER C 74 -8.65 30.86 -3.05
C SER C 74 -8.54 30.81 -1.54
N GLY C 75 -7.33 31.01 -1.05
CA GLY C 75 -7.00 31.18 0.37
C GLY C 75 -5.90 30.24 0.82
N GLU C 76 -6.04 29.79 2.06
CA GLU C 76 -5.01 29.05 2.83
C GLU C 76 -5.67 27.87 3.52
N TRP C 77 -4.92 26.78 3.60
CA TRP C 77 -5.35 25.51 4.22
C TRP C 77 -4.12 24.89 4.89
N ASN C 78 -4.12 24.97 6.21
CA ASN C 78 -2.95 24.65 7.06
C ASN C 78 -3.33 23.54 8.05
N PRO C 79 -3.54 22.29 7.58
CA PRO C 79 -3.78 21.17 8.49
C PRO C 79 -2.50 20.64 9.16
N ASN C 80 -2.64 20.18 10.40
CA ASN C 80 -1.65 19.32 11.10
C ASN C 80 -2.31 17.96 11.35
N GLY C 81 -2.22 17.05 10.36
CA GLY C 81 -2.97 15.78 10.35
C GLY C 81 -4.06 15.75 9.30
N ASN C 82 -4.93 14.76 9.43
CA ASN C 82 -5.95 14.33 8.45
C ASN C 82 -6.90 15.47 8.11
N SER C 83 -6.85 15.94 6.87
CA SER C 83 -7.74 17.03 6.40
C SER C 83 -7.86 16.95 4.88
N TYR C 84 -9.03 17.33 4.38
CA TYR C 84 -9.33 17.36 2.93
C TYR C 84 -9.84 18.76 2.62
N LEU C 85 -9.45 19.28 1.47
CA LEU C 85 -10.03 20.50 0.89
C LEU C 85 -10.71 20.07 -0.41
N SER C 86 -11.99 20.32 -0.55
CA SER C 86 -12.78 19.68 -1.63
C SER C 86 -13.96 20.55 -2.02
N VAL C 87 -14.41 20.37 -3.26
CA VAL C 87 -15.80 20.75 -3.59
C VAL C 87 -16.65 19.57 -3.14
N TYR C 88 -17.65 19.87 -2.32
CA TYR C 88 -18.33 18.85 -1.49
C TYR C 88 -19.82 19.03 -1.61
N GLY C 89 -20.56 17.93 -1.74
CA GLY C 89 -22.01 18.12 -1.91
C GLY C 89 -22.80 16.85 -1.84
N TRP C 90 -24.12 16.99 -2.01
CA TRP C 90 -25.08 15.89 -1.85
C TRP C 90 -26.08 15.98 -3.00
N THR C 91 -26.61 14.83 -3.35
CA THR C 91 -27.79 14.65 -4.21
C THR C 91 -28.74 13.74 -3.47
N GLN C 92 -29.98 13.70 -3.93
CA GLN C 92 -31.06 12.90 -3.30
C GLN C 92 -31.81 12.18 -4.43
N ASN C 93 -32.41 11.02 -4.14
CA ASN C 93 -33.10 10.17 -5.13
C ASN C 93 -32.22 9.95 -6.36
N PRO C 94 -31.04 9.30 -6.24
CA PRO C 94 -30.59 8.69 -4.98
C PRO C 94 -29.77 9.59 -4.06
N LEU C 95 -29.56 9.12 -2.83
CA LEU C 95 -28.76 9.84 -1.81
C LEU C 95 -27.30 9.56 -2.12
N VAL C 96 -26.54 10.61 -2.43
CA VAL C 96 -25.10 10.50 -2.73
C VAL C 96 -24.35 11.61 -2.02
N GLU C 97 -23.26 11.28 -1.37
CA GLU C 97 -22.25 12.27 -0.90
C GLU C 97 -21.10 12.31 -1.91
N TYR C 98 -20.70 13.49 -2.39
CA TYR C 98 -19.63 13.51 -3.42
C TYR C 98 -18.53 14.48 -3.01
N TYR C 99 -17.33 14.17 -3.47
CA TYR C 99 -16.14 14.98 -3.18
C TYR C 99 -15.28 15.12 -4.41
N ILE C 100 -14.97 16.36 -4.75
CA ILE C 100 -13.91 16.73 -5.71
C ILE C 100 -12.74 17.24 -4.86
N VAL C 101 -11.80 16.34 -4.58
CA VAL C 101 -10.76 16.60 -3.57
C VAL C 101 -9.59 17.31 -4.25
N GLU C 102 -9.33 18.54 -3.82
CA GLU C 102 -8.25 19.41 -4.35
C GLU C 102 -6.93 19.11 -3.61
N SER C 103 -7.00 18.98 -2.29
CA SER C 103 -5.87 18.54 -1.43
C SER C 103 -6.37 17.54 -0.40
N PHE C 104 -5.52 16.61 -0.01
CA PHE C 104 -5.63 15.88 1.28
C PHE C 104 -4.24 15.88 1.90
N SER C 105 -4.16 15.60 3.18
CA SER C 105 -2.87 15.74 3.91
C SER C 105 -2.35 14.33 4.14
N THR C 106 -2.60 13.75 5.30
CA THR C 106 -1.92 12.51 5.77
C THR C 106 -2.71 11.24 5.47
N TYR C 107 -3.94 11.32 4.95
CA TYR C 107 -4.78 10.12 4.69
C TYR C 107 -5.51 10.27 3.35
N ASP C 108 -5.31 9.33 2.44
CA ASP C 108 -5.99 9.26 1.11
C ASP C 108 -7.39 8.67 1.30
N PRO C 109 -8.46 9.48 1.06
CA PRO C 109 -9.84 8.99 1.14
C PRO C 109 -10.28 7.77 0.31
N SER C 110 -9.59 7.51 -0.80
CA SER C 110 -9.94 6.43 -1.77
C SER C 110 -9.30 5.09 -1.34
N THR C 111 -8.63 5.04 -0.19
CA THR C 111 -7.95 3.79 0.26
C THR C 111 -8.96 2.64 0.28
N GLY C 112 -8.66 1.53 -0.40
CA GLY C 112 -9.48 0.30 -0.37
C GLY C 112 -10.54 0.26 -1.48
N ALA C 113 -10.67 1.33 -2.25
CA ALA C 113 -11.70 1.44 -3.33
C ALA C 113 -11.08 1.18 -4.71
N GLN C 114 -11.86 0.52 -5.58
CA GLN C 114 -11.49 0.25 -7.00
C GLN C 114 -11.44 1.59 -7.74
N GLU C 115 -10.34 1.85 -8.43
CA GLU C 115 -10.26 3.02 -9.33
C GLU C 115 -11.19 2.74 -10.51
N LEU C 116 -12.00 3.71 -10.91
CA LEU C 116 -13.03 3.53 -11.98
C LEU C 116 -12.65 4.30 -13.25
N GLY C 117 -11.57 5.07 -13.24
CA GLY C 117 -11.20 5.96 -14.37
C GLY C 117 -10.51 7.21 -13.90
N THR C 118 -10.26 8.15 -14.84
CA THR C 118 -9.65 9.47 -14.56
C THR C 118 -10.39 10.54 -15.34
N VAL C 119 -10.39 11.79 -14.84
CA VAL C 119 -10.86 12.97 -15.60
C VAL C 119 -9.73 14.02 -15.62
N GLU C 120 -9.50 14.63 -16.78
CA GLU C 120 -8.54 15.72 -16.99
C GLU C 120 -9.37 17.01 -17.04
N THR C 121 -9.13 17.93 -16.12
CA THR C 121 -9.91 19.18 -15.98
C THR C 121 -9.10 20.16 -15.14
N ASP C 122 -9.22 21.46 -15.46
CA ASP C 122 -8.66 22.57 -14.64
C ASP C 122 -7.16 22.29 -14.42
N ASP C 123 -6.43 21.95 -15.50
CA ASP C 123 -4.96 21.71 -15.58
C ASP C 123 -4.53 20.64 -14.57
N GLY C 124 -5.40 19.66 -14.33
CA GLY C 124 -5.13 18.56 -13.42
C GLY C 124 -5.70 17.25 -13.93
N THR C 125 -5.32 16.18 -13.26
CA THR C 125 -5.91 14.84 -13.39
C THR C 125 -6.51 14.42 -12.06
N TYR C 126 -7.67 13.79 -12.13
CA TYR C 126 -8.41 13.31 -10.95
C TYR C 126 -8.79 11.84 -11.17
N LYS C 127 -8.48 11.02 -10.18
CA LYS C 127 -8.85 9.58 -10.13
C LYS C 127 -10.25 9.47 -9.55
N ILE C 128 -11.10 8.63 -10.13
CA ILE C 128 -12.53 8.44 -9.77
C ILE C 128 -12.68 7.16 -8.94
N TYR C 129 -13.45 7.27 -7.86
CA TYR C 129 -13.75 6.15 -6.95
C TYR C 129 -15.17 6.26 -6.44
N GLN C 130 -15.68 5.10 -6.05
CA GLN C 130 -16.97 4.98 -5.34
C GLN C 130 -16.73 4.10 -4.12
N THR C 131 -17.26 4.57 -2.99
CA THR C 131 -17.29 3.87 -1.68
C THR C 131 -18.74 3.89 -1.16
N THR C 132 -18.96 3.27 0.00
CA THR C 132 -20.30 3.07 0.61
C THR C 132 -20.21 3.48 2.06
N ARG C 133 -21.23 4.20 2.55
CA ARG C 133 -21.40 4.62 3.96
C ARG C 133 -22.66 3.96 4.51
N GLU C 134 -22.54 3.23 5.62
CA GLU C 134 -23.65 2.47 6.27
C GLU C 134 -23.99 3.12 7.63
N ASN C 135 -25.28 3.33 7.91
CA ASN C 135 -25.79 3.90 9.20
C ASN C 135 -24.90 5.07 9.61
N ALA C 136 -24.77 6.04 8.70
CA ALA C 136 -23.88 7.21 8.84
C ALA C 136 -24.68 8.50 8.83
N PRO C 137 -24.16 9.58 9.45
CA PRO C 137 -24.76 10.91 9.33
C PRO C 137 -24.96 11.27 7.85
N SER C 138 -26.05 11.94 7.56
CA SER C 138 -26.29 12.47 6.20
C SER C 138 -27.25 13.65 6.29
N ILE C 139 -27.56 14.24 5.13
CA ILE C 139 -28.57 15.33 5.00
C ILE C 139 -29.98 14.77 5.20
N GLU C 140 -30.15 13.45 5.25
CA GLU C 140 -31.46 12.81 5.53
C GLU C 140 -31.45 12.17 6.92
N GLY C 141 -30.42 12.40 7.73
CA GLY C 141 -30.20 11.74 9.03
C GLY C 141 -29.49 10.42 8.84
N THR C 142 -29.51 9.54 9.84
CA THR C 142 -28.75 8.26 9.79
C THR C 142 -29.20 7.50 8.54
N ALA C 143 -28.25 7.13 7.68
CA ALA C 143 -28.57 6.67 6.31
C ALA C 143 -27.45 5.78 5.76
N THR C 144 -27.78 5.03 4.72
CA THR C 144 -26.82 4.24 3.91
C THR C 144 -26.80 4.84 2.51
N PHE C 145 -25.61 5.19 2.01
CA PHE C 145 -25.49 5.95 0.74
C PHE C 145 -24.11 5.72 0.11
N ASN C 146 -24.03 5.98 -1.18
CA ASN C 146 -22.77 5.87 -1.95
C ASN C 146 -22.06 7.20 -1.85
N GLN C 147 -20.75 7.12 -1.92
CA GLN C 147 -19.84 8.29 -1.88
C GLN C 147 -19.11 8.28 -3.20
N TYR C 148 -19.14 9.40 -3.93
CA TYR C 148 -18.37 9.47 -5.20
C TYR C 148 -17.18 10.39 -4.97
N TRP C 149 -16.04 10.02 -5.55
CA TRP C 149 -14.78 10.77 -5.35
C TRP C 149 -14.11 11.06 -6.69
N SER C 150 -13.64 12.30 -6.83
CA SER C 150 -12.62 12.72 -7.81
C SER C 150 -11.44 13.21 -7.00
N VAL C 151 -10.29 12.54 -7.09
CA VAL C 151 -9.13 12.91 -6.25
C VAL C 151 -7.99 13.44 -7.14
N ARG C 152 -7.67 14.73 -7.01
CA ARG C 152 -6.61 15.41 -7.79
C ARG C 152 -5.28 14.70 -7.54
N THR C 153 -4.53 14.39 -8.61
CA THR C 153 -3.23 13.68 -8.47
C THR C 153 -2.17 14.68 -7.97
N ASP C 154 -2.25 15.97 -8.33
CA ASP C 154 -1.32 17.08 -7.91
C ASP C 154 -2.07 18.00 -6.94
N HIS C 155 -1.86 17.83 -5.64
CA HIS C 155 -2.67 18.57 -4.62
C HIS C 155 -2.45 20.05 -4.83
N ARG C 156 -3.47 20.90 -4.57
CA ARG C 156 -3.34 22.37 -4.65
C ARG C 156 -4.38 23.01 -3.73
N VAL C 157 -4.17 24.28 -3.51
CA VAL C 157 -5.03 25.19 -2.71
C VAL C 157 -5.28 26.41 -3.56
N GLY C 158 -6.41 26.39 -4.25
CA GLY C 158 -6.85 27.50 -5.08
C GLY C 158 -7.04 27.03 -6.50
N GLY C 159 -7.86 27.75 -7.22
CA GLY C 159 -7.98 27.56 -8.66
C GLY C 159 -9.44 27.48 -9.03
N THR C 160 -9.69 26.83 -10.15
CA THR C 160 -11.01 26.67 -10.79
C THR C 160 -11.37 25.20 -10.72
N VAL C 161 -12.62 24.90 -10.38
CA VAL C 161 -13.22 23.55 -10.47
C VAL C 161 -14.47 23.65 -11.36
N THR C 162 -14.36 23.06 -12.53
CA THR C 162 -15.44 22.88 -13.54
C THR C 162 -16.22 21.63 -13.15
N THR C 163 -17.16 21.78 -12.25
CA THR C 163 -17.86 20.65 -11.58
C THR C 163 -18.58 19.79 -12.63
N GLN C 164 -19.10 20.37 -13.71
CA GLN C 164 -19.76 19.57 -14.77
C GLN C 164 -18.81 18.51 -15.33
N ASN C 165 -17.50 18.79 -15.46
CA ASN C 165 -16.58 17.78 -16.03
C ASN C 165 -16.51 16.57 -15.10
N HIS C 166 -16.57 16.79 -13.78
CA HIS C 166 -16.57 15.71 -12.77
C HIS C 166 -17.90 14.96 -12.87
N PHE C 167 -19.02 15.67 -12.87
CA PHE C 167 -20.35 15.01 -12.87
C PHE C 167 -20.46 14.13 -14.12
N ASP C 168 -19.99 14.63 -15.26
CA ASP C 168 -20.01 13.92 -16.58
C ASP C 168 -19.11 12.67 -16.49
N ALA C 169 -17.90 12.79 -15.93
CA ALA C 169 -16.98 11.66 -15.73
C ALA C 169 -17.61 10.62 -14.81
N TRP C 170 -18.29 11.02 -13.74
CA TRP C 170 -18.94 10.05 -12.82
C TRP C 170 -20.06 9.36 -13.59
N LYS C 171 -20.83 10.12 -14.37
CA LYS C 171 -21.94 9.52 -15.15
C LYS C 171 -21.36 8.44 -16.05
N ASN C 172 -20.29 8.76 -16.77
CA ASN C 172 -19.65 7.83 -17.76
C ASN C 172 -19.04 6.61 -17.06
N ALA C 173 -18.68 6.73 -15.77
CA ALA C 173 -18.19 5.59 -14.95
C ALA C 173 -19.35 4.78 -14.35
N GLY C 174 -20.60 5.02 -14.75
CA GLY C 174 -21.79 4.31 -14.23
C GLY C 174 -22.24 4.81 -12.86
N LEU C 175 -21.85 6.00 -12.44
CA LEU C 175 -22.26 6.56 -11.11
C LEU C 175 -23.39 7.57 -11.29
N GLU C 176 -24.59 7.21 -10.87
CA GLU C 176 -25.85 7.97 -11.02
C GLU C 176 -25.90 9.11 -10.00
N MET C 177 -26.23 10.31 -10.44
CA MET C 177 -26.42 11.51 -9.57
C MET C 177 -27.93 11.74 -9.42
N GLY C 178 -28.38 12.17 -8.24
CA GLY C 178 -29.79 12.53 -8.05
C GLY C 178 -30.03 14.01 -8.18
N THR C 179 -31.08 14.48 -7.51
CA THR C 179 -31.47 15.90 -7.35
C THR C 179 -30.47 16.59 -6.43
N HIS C 180 -29.87 17.67 -6.89
CA HIS C 180 -28.79 18.38 -6.13
C HIS C 180 -29.40 18.92 -4.84
N ASN C 181 -28.73 18.66 -3.72
CA ASN C 181 -28.88 19.45 -2.47
C ASN C 181 -27.69 20.42 -2.44
N TYR C 182 -27.03 20.61 -1.30
CA TYR C 182 -26.00 21.67 -1.22
C TYR C 182 -24.73 21.27 -1.94
N MET C 183 -24.00 22.30 -2.37
CA MET C 183 -22.63 22.17 -2.88
C MET C 183 -21.80 23.30 -2.30
N ILE C 184 -20.70 22.95 -1.63
CA ILE C 184 -19.82 23.92 -0.94
C ILE C 184 -18.35 23.65 -1.26
N VAL C 185 -17.51 24.67 -1.08
CA VAL C 185 -16.03 24.46 -1.04
C VAL C 185 -15.71 24.19 0.43
N ALA C 186 -15.38 22.95 0.74
CA ALA C 186 -15.39 22.47 2.12
C ALA C 186 -13.98 22.15 2.62
N THR C 187 -13.76 22.51 3.88
CA THR C 187 -12.62 22.05 4.69
C THR C 187 -13.14 20.92 5.60
N ALA C 188 -12.51 19.76 5.54
CA ALA C 188 -12.92 18.62 6.39
C ALA C 188 -11.71 18.16 7.20
N GLY C 189 -11.98 17.62 8.35
CA GLY C 189 -10.91 17.11 9.22
C GLY C 189 -11.40 15.95 10.03
N TYR C 190 -10.46 15.15 10.54
CA TYR C 190 -10.77 14.07 11.51
C TYR C 190 -9.54 13.81 12.37
N GLN C 191 -9.69 13.88 13.69
CA GLN C 191 -8.61 13.59 14.68
C GLN C 191 -7.34 14.33 14.24
N SER C 192 -7.50 15.62 14.02
CA SER C 192 -6.37 16.48 13.61
C SER C 192 -6.55 17.88 14.19
N SER C 193 -5.62 18.78 13.85
CA SER C 193 -5.67 20.19 14.24
C SER C 193 -5.37 20.96 12.96
N GLY C 194 -5.72 22.21 12.93
CA GLY C 194 -5.38 23.02 11.76
C GLY C 194 -6.10 24.32 11.74
N SER C 195 -5.89 25.04 10.64
CA SER C 195 -6.62 26.29 10.34
C SER C 195 -6.79 26.35 8.83
N ALA C 196 -7.86 26.99 8.41
CA ALA C 196 -8.13 27.27 7.00
C ALA C 196 -8.92 28.56 6.87
N SER C 197 -8.61 29.32 5.82
CA SER C 197 -9.36 30.53 5.45
C SER C 197 -9.58 30.47 3.94
N ILE C 198 -10.81 30.17 3.52
CA ILE C 198 -11.15 29.90 2.11
C ILE C 198 -12.21 30.88 1.63
N THR C 199 -12.01 31.38 0.40
CA THR C 199 -12.93 32.35 -0.22
C THR C 199 -13.52 31.73 -1.48
N VAL C 200 -14.84 31.57 -1.53
CA VAL C 200 -15.52 31.14 -2.79
C VAL C 200 -15.80 32.44 -3.54
N GLN C 201 -15.18 32.65 -4.71
CA GLN C 201 -15.36 33.87 -5.55
C GLN C 201 -16.41 33.54 -6.62
N GLU D 13 7.28 -11.43 6.94
CA GLU D 13 6.34 -10.24 6.98
C GLU D 13 4.93 -10.64 7.39
N ILE D 14 4.30 -9.83 8.23
CA ILE D 14 3.00 -10.10 8.93
C ILE D 14 2.08 -8.94 8.53
N THR D 15 0.91 -9.21 7.95
CA THR D 15 0.02 -8.12 7.44
C THR D 15 -1.40 -8.24 8.02
N SER D 16 -1.68 -9.28 8.81
CA SER D 16 -2.97 -9.45 9.52
C SER D 16 -2.65 -9.76 11.00
N SER D 17 -3.60 -9.53 11.91
CA SER D 17 -3.32 -9.67 13.37
C SER D 17 -2.73 -11.03 13.72
N GLU D 18 -1.73 -11.05 14.61
CA GLU D 18 -1.06 -12.28 15.09
C GLU D 18 -0.36 -11.96 16.40
N THR D 19 -0.22 -12.96 17.26
CA THR D 19 0.70 -12.84 18.41
C THR D 19 1.60 -14.07 18.38
N GLY D 20 2.72 -13.99 19.07
CA GLY D 20 3.50 -15.19 19.38
C GLY D 20 4.73 -14.81 20.15
N THR D 21 5.73 -15.67 20.06
CA THR D 21 7.06 -15.47 20.64
C THR D 21 8.03 -15.33 19.48
N ASN D 22 8.92 -14.35 19.54
CA ASN D 22 9.99 -14.24 18.52
C ASN D 22 11.27 -13.91 19.25
N ASN D 23 12.24 -14.80 19.28
CA ASN D 23 13.59 -14.51 19.86
C ASN D 23 13.51 -14.13 21.34
N GLY D 24 12.67 -14.81 22.12
CA GLY D 24 12.55 -14.64 23.57
C GLY D 24 11.70 -13.44 23.96
N TYR D 25 11.07 -12.76 22.99
CA TYR D 25 10.11 -11.64 23.26
C TYR D 25 8.70 -12.07 22.89
N TYR D 26 7.75 -11.63 23.72
CA TYR D 26 6.32 -11.64 23.37
C TYR D 26 6.21 -10.66 22.20
N TYR D 27 5.39 -10.94 21.19
CA TYR D 27 5.03 -9.90 20.20
C TYR D 27 3.53 -9.93 19.97
N SER D 28 2.97 -8.72 19.83
CA SER D 28 1.59 -8.54 19.38
C SER D 28 1.58 -7.64 18.15
N PHE D 29 0.80 -8.02 17.16
CA PHE D 29 0.49 -7.19 15.97
C PHE D 29 -1.01 -7.25 15.80
N TRP D 30 -1.65 -6.10 15.97
CA TRP D 30 -3.12 -5.98 15.84
C TRP D 30 -3.42 -4.87 14.85
N THR D 31 -4.26 -5.17 13.86
CA THR D 31 -4.75 -4.18 12.88
C THR D 31 -6.23 -4.44 12.66
N ASP D 32 -7.04 -3.38 12.59
CA ASP D 32 -8.46 -3.47 12.15
C ASP D 32 -8.54 -3.82 10.65
N GLY D 33 -7.41 -3.86 9.92
CA GLY D 33 -7.28 -4.42 8.56
C GLY D 33 -7.34 -3.33 7.48
N GLY D 34 -7.45 -2.07 7.87
CA GLY D 34 -7.53 -0.95 6.91
C GLY D 34 -6.17 -0.60 6.34
N GLY D 35 -6.14 -0.14 5.09
CA GLY D 35 -4.91 0.29 4.40
C GLY D 35 -3.92 -0.87 4.30
N GLN D 36 -2.63 -0.54 4.30
CA GLN D 36 -1.51 -1.51 4.30
C GLN D 36 -0.70 -1.27 5.57
N VAL D 37 -0.64 -2.28 6.42
CA VAL D 37 0.28 -2.29 7.59
C VAL D 37 1.12 -3.55 7.53
N THR D 38 2.45 -3.39 7.51
CA THR D 38 3.41 -4.53 7.38
C THR D 38 4.35 -4.53 8.61
N TYR D 39 4.26 -5.60 9.40
CA TYR D 39 5.01 -5.82 10.67
C TYR D 39 6.07 -6.89 10.41
N THR D 40 7.27 -6.63 10.88
CA THR D 40 8.44 -7.53 10.68
C THR D 40 9.15 -7.73 12.03
N ASN D 41 9.35 -9.01 12.40
CA ASN D 41 10.15 -9.33 13.61
C ASN D 41 11.61 -9.37 13.19
N GLY D 42 12.47 -8.68 13.94
CA GLY D 42 13.92 -8.80 13.71
C GLY D 42 14.60 -9.65 14.77
N PRO D 43 15.93 -9.57 14.84
CA PRO D 43 16.67 -10.28 15.88
C PRO D 43 16.39 -9.72 17.27
N ALA D 44 16.51 -10.56 18.29
CA ALA D 44 16.41 -10.21 19.74
C ALA D 44 15.13 -9.40 19.93
N GLY D 45 15.21 -8.19 20.46
CA GLY D 45 13.99 -7.42 20.81
C GLY D 45 13.53 -6.48 19.71
N GLN D 46 13.95 -6.68 18.46
CA GLN D 46 13.71 -5.69 17.39
C GLN D 46 12.43 -6.02 16.65
N TYR D 47 11.68 -4.98 16.28
CA TYR D 47 10.61 -5.09 15.29
C TYR D 47 10.58 -3.82 14.45
N SER D 48 9.94 -3.94 13.30
CA SER D 48 9.73 -2.79 12.40
C SER D 48 8.27 -2.79 11.98
N VAL D 49 7.72 -1.61 11.75
CA VAL D 49 6.39 -1.53 11.11
C VAL D 49 6.47 -0.45 10.04
N GLU D 50 5.81 -0.69 8.92
CA GLU D 50 5.69 0.25 7.78
C GLU D 50 4.20 0.30 7.50
N TRP D 51 3.60 1.48 7.42
CA TRP D 51 2.16 1.55 7.17
C TRP D 51 1.86 2.64 6.16
N SER D 52 0.80 2.44 5.41
CA SER D 52 0.30 3.40 4.39
C SER D 52 -1.22 3.47 4.49
N ASN D 53 -1.76 4.66 4.81
CA ASN D 53 -3.22 4.92 4.84
C ASN D 53 -3.91 3.88 5.71
N SER D 54 -3.37 3.65 6.91
CA SER D 54 -3.78 2.56 7.80
C SER D 54 -5.17 2.80 8.35
N GLY D 55 -5.83 1.74 8.80
CA GLY D 55 -6.82 1.89 9.88
C GLY D 55 -6.11 1.97 11.22
N ASN D 56 -6.75 1.45 12.25
CA ASN D 56 -6.16 1.34 13.62
C ASN D 56 -5.18 0.16 13.59
N PHE D 57 -3.98 0.37 14.12
CA PHE D 57 -3.08 -0.74 14.49
C PHE D 57 -2.29 -0.36 15.74
N VAL D 58 -1.84 -1.41 16.42
CA VAL D 58 -0.93 -1.32 17.58
C VAL D 58 -0.04 -2.56 17.50
N ALA D 59 1.27 -2.40 17.62
CA ALA D 59 2.22 -3.51 17.37
C ALA D 59 3.53 -3.33 18.13
N GLY D 60 4.07 -4.44 18.63
CA GLY D 60 5.46 -4.42 19.10
C GLY D 60 5.80 -5.57 19.99
N LYS D 61 6.93 -5.44 20.67
CA LYS D 61 7.59 -6.52 21.42
C LYS D 61 7.74 -6.16 22.91
N GLY D 62 7.78 -7.22 23.72
CA GLY D 62 7.94 -7.08 25.17
C GLY D 62 7.79 -8.41 25.86
N TRP D 63 6.88 -8.45 26.82
CA TRP D 63 6.87 -9.48 27.87
C TRP D 63 5.47 -9.97 28.14
N ASN D 64 5.37 -11.23 28.50
CA ASN D 64 4.10 -11.79 29.00
C ASN D 64 4.43 -12.81 30.08
N PRO D 65 4.02 -12.56 31.32
CA PRO D 65 3.31 -11.34 31.70
C PRO D 65 4.26 -10.16 31.92
N GLY D 66 3.71 -8.95 31.90
CA GLY D 66 4.39 -7.76 32.40
C GLY D 66 4.64 -7.95 33.89
N SER D 67 5.76 -7.49 34.40
CA SER D 67 6.01 -7.59 35.87
C SER D 67 6.49 -6.22 36.37
N SER D 68 5.95 -5.16 35.79
CA SER D 68 6.17 -3.76 36.24
C SER D 68 7.67 -3.45 36.25
N GLN D 69 8.38 -4.02 35.28
CA GLN D 69 9.85 -3.90 35.22
C GLN D 69 10.20 -2.54 34.63
N THR D 70 11.43 -2.11 34.90
CA THR D 70 12.08 -0.96 34.26
C THR D 70 12.54 -1.40 32.87
N ILE D 71 12.01 -0.74 31.84
CA ILE D 71 12.13 -1.04 30.39
C ILE D 71 13.18 -0.10 29.81
N THR D 72 14.06 -0.54 28.92
CA THR D 72 14.77 0.42 28.04
C THR D 72 14.65 -0.04 26.60
N TYR D 73 14.44 0.93 25.73
CA TYR D 73 14.21 0.69 24.30
C TYR D 73 14.95 1.82 23.57
N SER D 74 15.21 1.56 22.31
CA SER D 74 15.74 2.60 21.39
C SER D 74 15.14 2.36 20.02
N GLY D 75 15.37 3.25 19.07
CA GLY D 75 14.83 3.06 17.73
C GLY D 75 14.62 4.37 17.01
N GLU D 76 13.82 4.30 15.96
CA GLU D 76 13.48 5.41 15.03
C GLU D 76 11.96 5.34 14.85
N TRP D 77 11.28 6.48 14.94
CA TRP D 77 9.81 6.54 14.76
C TRP D 77 9.53 7.71 13.82
N ASN D 78 9.01 7.43 12.62
CA ASN D 78 8.91 8.39 11.50
C ASN D 78 7.49 8.36 10.98
N PRO D 79 6.54 8.96 11.73
CA PRO D 79 5.14 9.01 11.31
C PRO D 79 4.90 10.14 10.30
N ASN D 80 3.96 9.92 9.40
CA ASN D 80 3.28 11.00 8.64
C ASN D 80 1.79 10.99 9.02
N GLY D 81 1.44 11.68 10.11
CA GLY D 81 0.06 11.74 10.62
C GLY D 81 -0.05 11.03 11.96
N ASN D 82 -1.26 10.62 12.31
CA ASN D 82 -1.62 10.20 13.67
C ASN D 82 -0.87 8.91 14.04
N SER D 83 -0.02 8.97 15.05
CA SER D 83 0.74 7.79 15.51
C SER D 83 1.29 8.09 16.89
N TYR D 84 1.50 7.08 17.72
CA TYR D 84 2.14 7.29 19.03
C TYR D 84 2.99 6.09 19.37
N LEU D 85 3.98 6.31 20.22
CA LEU D 85 5.00 5.32 20.65
C LEU D 85 4.84 5.24 22.17
N SER D 86 4.57 4.06 22.69
CA SER D 86 4.13 3.93 24.09
C SER D 86 4.64 2.64 24.69
N VAL D 87 4.69 2.58 26.01
CA VAL D 87 4.65 1.25 26.68
C VAL D 87 3.17 0.93 26.83
N TYR D 88 2.81 -0.27 26.42
CA TYR D 88 1.40 -0.60 26.19
C TYR D 88 1.12 -1.96 26.79
N GLY D 89 0.04 -2.08 27.53
CA GLY D 89 -0.27 -3.42 28.07
C GLY D 89 -1.67 -3.60 28.59
N TRP D 90 -1.89 -4.77 29.17
CA TRP D 90 -3.22 -5.09 29.74
C TRP D 90 -3.12 -5.60 31.16
N THR D 91 -4.15 -5.35 31.97
CA THR D 91 -4.44 -6.23 33.14
C THR D 91 -5.78 -6.93 32.96
N GLN D 92 -5.98 -7.95 33.74
CA GLN D 92 -7.25 -8.73 33.75
C GLN D 92 -7.76 -8.79 35.18
N ASN D 93 -9.08 -8.79 35.31
CA ASN D 93 -9.76 -8.93 36.61
C ASN D 93 -9.29 -7.89 37.62
N PRO D 94 -9.55 -6.56 37.42
CA PRO D 94 -10.29 -6.04 36.25
C PRO D 94 -9.51 -5.87 34.95
N LEU D 95 -10.27 -5.86 33.84
CA LEU D 95 -9.73 -5.67 32.48
C LEU D 95 -9.37 -4.20 32.32
N VAL D 96 -8.10 -3.92 32.07
CA VAL D 96 -7.59 -2.54 31.93
C VAL D 96 -6.67 -2.55 30.72
N GLU D 97 -6.77 -1.52 29.91
CA GLU D 97 -5.81 -1.23 28.82
C GLU D 97 -5.04 0.02 29.25
N TYR D 98 -3.71 0.02 29.12
CA TYR D 98 -2.92 1.19 29.56
C TYR D 98 -1.82 1.51 28.55
N TYR D 99 -1.52 2.80 28.49
CA TYR D 99 -0.50 3.41 27.62
C TYR D 99 0.36 4.34 28.46
N ILE D 100 1.66 4.20 28.30
CA ILE D 100 2.64 5.20 28.79
C ILE D 100 3.22 5.83 27.53
N VAL D 101 2.71 7.02 27.19
CA VAL D 101 2.95 7.57 25.83
C VAL D 101 4.25 8.38 25.88
N GLU D 102 5.25 7.98 25.08
CA GLU D 102 6.60 8.60 25.02
C GLU D 102 6.63 9.70 23.95
N SER D 103 5.88 9.50 22.88
CA SER D 103 5.80 10.42 21.72
C SER D 103 4.43 10.26 21.07
N PHE D 104 3.89 11.35 20.58
CA PHE D 104 2.74 11.29 19.65
C PHE D 104 2.90 12.40 18.63
N SER D 105 2.15 12.23 17.56
CA SER D 105 2.20 13.07 16.34
C SER D 105 0.76 13.32 15.93
N THR D 106 0.44 14.60 15.74
CA THR D 106 -0.77 15.19 15.10
C THR D 106 -2.04 15.08 15.95
N TYR D 107 -2.19 14.04 16.78
CA TYR D 107 -3.39 13.85 17.61
C TYR D 107 -2.98 13.32 18.99
N ASP D 108 -3.32 14.07 20.03
CA ASP D 108 -3.08 13.66 21.43
C ASP D 108 -4.04 12.50 21.73
N PRO D 109 -3.53 11.25 21.88
CA PRO D 109 -4.41 10.10 22.03
C PRO D 109 -5.17 10.06 23.37
N SER D 110 -4.82 10.96 24.30
CA SER D 110 -5.56 11.14 25.58
C SER D 110 -6.78 12.05 25.39
N THR D 111 -6.94 12.69 24.23
CA THR D 111 -8.12 13.52 23.90
C THR D 111 -9.41 12.77 24.30
N GLY D 112 -10.25 13.43 25.12
CA GLY D 112 -11.55 12.89 25.53
C GLY D 112 -11.44 12.03 26.77
N ALA D 113 -10.26 11.98 27.39
CA ALA D 113 -10.08 11.29 28.69
C ALA D 113 -9.99 12.33 29.81
N GLN D 114 -10.26 11.91 31.04
CA GLN D 114 -10.27 12.84 32.19
C GLN D 114 -8.85 12.95 32.74
N GLU D 115 -8.33 14.19 32.77
CA GLU D 115 -7.02 14.53 33.35
C GLU D 115 -7.12 14.41 34.88
N LEU D 116 -6.20 13.65 35.49
CA LEU D 116 -6.25 13.33 36.96
C LEU D 116 -5.10 13.99 37.72
N GLY D 117 -3.97 14.26 37.05
CA GLY D 117 -2.75 14.81 37.66
C GLY D 117 -1.51 14.42 36.88
N THR D 118 -0.35 14.39 37.53
CA THR D 118 0.94 14.19 36.82
C THR D 118 1.83 13.24 37.62
N VAL D 119 2.84 12.71 36.93
CA VAL D 119 3.93 11.94 37.57
C VAL D 119 5.24 12.38 36.94
N GLU D 120 6.25 12.53 37.80
CA GLU D 120 7.63 12.87 37.41
C GLU D 120 8.40 11.55 37.42
N THR D 121 8.89 11.10 36.27
CA THR D 121 9.67 9.85 36.20
C THR D 121 10.54 9.89 34.94
N ASP D 122 11.73 9.28 35.01
CA ASP D 122 12.64 9.11 33.85
C ASP D 122 12.88 10.48 33.19
N ASP D 123 13.20 11.50 33.99
CA ASP D 123 13.61 12.86 33.53
C ASP D 123 12.51 13.54 32.70
N GLY D 124 11.26 13.20 32.98
CA GLY D 124 10.09 13.72 32.27
C GLY D 124 8.94 13.97 33.22
N THR D 125 7.94 14.68 32.73
CA THR D 125 6.64 14.89 33.39
C THR D 125 5.60 14.20 32.50
N TYR D 126 4.75 13.39 33.11
CA TYR D 126 3.63 12.72 32.40
C TYR D 126 2.31 13.21 32.98
N LYS D 127 1.36 13.53 32.11
CA LYS D 127 -0.02 13.79 32.57
C LYS D 127 -0.76 12.46 32.57
N ILE D 128 -1.53 12.20 33.62
CA ILE D 128 -2.28 10.93 33.85
C ILE D 128 -3.72 11.18 33.44
N TYR D 129 -4.34 10.23 32.77
CA TYR D 129 -5.77 10.33 32.39
C TYR D 129 -6.44 8.98 32.57
N GLN D 130 -7.77 9.02 32.67
CA GLN D 130 -8.59 7.80 32.68
C GLN D 130 -9.77 8.01 31.74
N THR D 131 -10.17 6.93 31.06
CA THR D 131 -11.39 6.88 30.23
C THR D 131 -11.87 5.43 30.20
N THR D 132 -12.92 5.18 29.44
CA THR D 132 -13.56 3.84 29.28
C THR D 132 -13.69 3.57 27.79
N ARG D 133 -13.58 2.30 27.41
CA ARG D 133 -13.83 1.79 26.04
C ARG D 133 -15.01 0.82 26.17
N GLU D 134 -16.05 1.01 25.35
CA GLU D 134 -17.33 0.27 25.45
C GLU D 134 -17.43 -0.65 24.23
N ASN D 135 -17.69 -1.94 24.45
CA ASN D 135 -18.00 -2.89 23.35
C ASN D 135 -16.84 -2.87 22.35
N ALA D 136 -15.62 -2.94 22.88
CA ALA D 136 -14.39 -2.63 22.13
C ALA D 136 -13.55 -3.90 22.00
N PRO D 137 -12.64 -3.97 21.02
CA PRO D 137 -11.71 -5.09 20.92
C PRO D 137 -10.81 -5.13 22.17
N SER D 138 -10.58 -6.31 22.70
CA SER D 138 -9.69 -6.53 23.87
C SER D 138 -9.00 -7.91 23.80
N ILE D 139 -8.08 -8.18 24.74
CA ILE D 139 -7.45 -9.51 24.90
C ILE D 139 -8.51 -10.54 25.34
N GLU D 140 -9.71 -10.10 25.71
CA GLU D 140 -10.79 -11.01 26.15
C GLU D 140 -11.90 -11.08 25.11
N GLY D 141 -11.74 -10.43 23.96
CA GLY D 141 -12.80 -10.29 22.94
C GLY D 141 -13.54 -8.99 23.14
N THR D 142 -14.67 -8.83 22.48
CA THR D 142 -15.49 -7.61 22.62
C THR D 142 -15.78 -7.38 24.11
N ALA D 143 -15.36 -6.25 24.63
CA ALA D 143 -15.47 -5.99 26.08
C ALA D 143 -15.56 -4.51 26.39
N THR D 144 -16.03 -4.20 27.60
CA THR D 144 -15.99 -2.86 28.22
C THR D 144 -14.89 -2.84 29.30
N PHE D 145 -13.99 -1.88 29.26
CA PHE D 145 -12.77 -1.87 30.11
C PHE D 145 -12.34 -0.41 30.35
N ASN D 146 -11.68 -0.20 31.47
CA ASN D 146 -10.99 1.07 31.76
C ASN D 146 -9.74 1.18 30.89
N GLN D 147 -9.42 2.41 30.50
CA GLN D 147 -8.22 2.73 29.69
C GLN D 147 -7.45 3.83 30.43
N TYR D 148 -6.21 3.58 30.82
CA TYR D 148 -5.37 4.56 31.57
C TYR D 148 -4.26 5.05 30.65
N TRP D 149 -3.95 6.33 30.78
CA TRP D 149 -2.91 7.06 30.03
C TRP D 149 -1.95 7.75 31.00
N SER D 150 -0.69 7.66 30.64
CA SER D 150 0.39 8.56 31.09
C SER D 150 1.01 9.16 29.84
N VAL D 151 1.02 10.48 29.69
CA VAL D 151 1.49 11.05 28.41
C VAL D 151 2.66 12.00 28.70
N ARG D 152 3.84 11.72 28.13
CA ARG D 152 5.04 12.55 28.42
C ARG D 152 4.88 13.97 27.85
N THR D 153 5.20 15.01 28.60
CA THR D 153 4.98 16.41 28.14
C THR D 153 6.05 16.77 27.11
N ASP D 154 7.27 16.28 27.31
CA ASP D 154 8.41 16.47 26.37
C ASP D 154 8.70 15.13 25.69
N HIS D 155 8.34 15.02 24.42
CA HIS D 155 8.35 13.76 23.63
C HIS D 155 9.79 13.29 23.41
N ARG D 156 9.96 11.99 23.43
CA ARG D 156 11.24 11.33 23.12
C ARG D 156 10.96 9.99 22.43
N VAL D 157 11.98 9.51 21.74
CA VAL D 157 12.05 8.18 21.10
C VAL D 157 13.27 7.51 21.73
N GLY D 158 13.03 6.61 22.68
CA GLY D 158 14.09 5.79 23.30
C GLY D 158 14.41 6.29 24.70
N GLY D 159 14.89 5.39 25.54
CA GLY D 159 15.34 5.69 26.89
C GLY D 159 14.75 4.65 27.82
N THR D 160 14.66 4.97 29.10
CA THR D 160 14.25 4.02 30.14
C THR D 160 12.88 4.44 30.65
N VAL D 161 11.96 3.49 30.85
CA VAL D 161 10.61 3.75 31.40
C VAL D 161 10.44 2.91 32.66
N THR D 162 10.30 3.57 33.82
CA THR D 162 10.22 2.90 35.14
C THR D 162 8.73 2.61 35.32
N THR D 163 8.23 1.50 34.79
CA THR D 163 6.77 1.31 34.65
C THR D 163 6.10 1.35 36.03
N GLN D 164 6.76 0.88 37.09
CA GLN D 164 6.17 0.89 38.45
C GLN D 164 5.80 2.31 38.86
N ASN D 165 6.56 3.35 38.47
CA ASN D 165 6.25 4.74 38.84
C ASN D 165 4.90 5.15 38.24
N HIS D 166 4.55 4.68 37.03
CA HIS D 166 3.27 5.00 36.34
C HIS D 166 2.14 4.27 37.07
N PHE D 167 2.33 2.96 37.29
CA PHE D 167 1.35 2.11 37.98
C PHE D 167 1.05 2.71 39.38
N ASP D 168 2.09 3.14 40.11
CA ASP D 168 1.97 3.79 41.43
C ASP D 168 1.21 5.11 41.32
N ALA D 169 1.48 5.91 40.29
CA ALA D 169 0.77 7.19 40.04
C ALA D 169 -0.71 6.90 39.79
N TRP D 170 -1.04 5.93 38.95
CA TRP D 170 -2.46 5.59 38.66
C TRP D 170 -3.15 5.10 39.95
N LYS D 171 -2.50 4.23 40.73
CA LYS D 171 -3.01 3.72 42.03
C LYS D 171 -3.29 4.92 42.96
N ASN D 172 -2.36 5.86 43.08
CA ASN D 172 -2.43 7.06 43.95
C ASN D 172 -3.64 7.93 43.59
N ALA D 173 -3.97 8.04 42.30
CA ALA D 173 -5.14 8.77 41.78
C ALA D 173 -6.41 7.90 41.90
N GLY D 174 -6.28 6.68 42.46
CA GLY D 174 -7.42 5.83 42.84
C GLY D 174 -7.77 4.77 41.82
N LEU D 175 -6.99 4.68 40.74
CA LEU D 175 -7.23 3.78 39.57
C LEU D 175 -6.84 2.34 39.92
N GLU D 176 -7.79 1.43 39.77
CA GLU D 176 -7.62 -0.02 40.05
C GLU D 176 -6.94 -0.69 38.86
N MET D 177 -6.00 -1.59 39.14
CA MET D 177 -5.33 -2.48 38.14
C MET D 177 -5.54 -3.94 38.53
N GLY D 178 -5.64 -4.82 37.54
CA GLY D 178 -5.81 -6.26 37.75
C GLY D 178 -4.47 -6.97 37.67
N THR D 179 -4.51 -8.26 37.39
CA THR D 179 -3.34 -9.11 37.19
C THR D 179 -2.73 -8.76 35.83
N HIS D 180 -1.42 -8.55 35.77
CA HIS D 180 -0.76 -8.14 34.50
C HIS D 180 -0.82 -9.24 33.45
N ASN D 181 -1.25 -8.85 32.24
CA ASN D 181 -1.06 -9.68 31.03
C ASN D 181 0.13 -9.04 30.28
N TYR D 182 0.04 -8.94 28.96
CA TYR D 182 1.27 -8.56 28.21
C TYR D 182 1.58 -7.08 28.42
N MET D 183 2.84 -6.76 28.18
CA MET D 183 3.35 -5.38 28.20
C MET D 183 4.39 -5.27 27.09
N ILE D 184 4.20 -4.33 26.16
CA ILE D 184 5.07 -4.23 24.96
C ILE D 184 5.51 -2.78 24.80
N VAL D 185 6.57 -2.58 24.04
CA VAL D 185 6.92 -1.26 23.50
C VAL D 185 6.26 -1.16 22.13
N ALA D 186 5.19 -0.36 22.06
CA ALA D 186 4.27 -0.39 20.91
C ALA D 186 4.39 0.87 20.04
N THR D 187 4.14 0.64 18.77
CA THR D 187 3.97 1.63 17.69
C THR D 187 2.50 1.56 17.29
N ALA D 188 1.77 2.65 17.41
CA ALA D 188 0.34 2.68 17.04
C ALA D 188 0.13 3.70 15.93
N GLY D 189 -0.91 3.51 15.12
CA GLY D 189 -1.21 4.46 14.04
C GLY D 189 -2.66 4.36 13.66
N TYR D 190 -3.25 5.47 13.19
CA TYR D 190 -4.65 5.50 12.73
C TYR D 190 -4.70 6.50 11.59
N GLN D 191 -5.27 6.09 10.45
CA GLN D 191 -5.49 6.91 9.23
C GLN D 191 -4.24 7.75 8.97
N SER D 192 -3.10 7.06 8.86
CA SER D 192 -1.80 7.72 8.67
C SER D 192 -0.89 6.80 7.85
N SER D 193 0.33 7.28 7.65
CA SER D 193 1.45 6.54 7.02
C SER D 193 2.65 6.72 7.96
N GLY D 194 3.67 5.88 7.81
CA GLY D 194 4.85 6.00 8.64
C GLY D 194 5.73 4.77 8.54
N SER D 195 6.85 4.84 9.24
CA SER D 195 7.70 3.67 9.52
C SER D 195 8.27 3.85 10.91
N ALA D 196 8.55 2.74 11.57
CA ALA D 196 9.27 2.74 12.85
C ALA D 196 10.07 1.45 12.92
N SER D 197 11.18 1.52 13.62
CA SER D 197 12.02 0.37 13.91
C SER D 197 12.44 0.52 15.36
N ILE D 198 12.03 -0.41 16.21
CA ILE D 198 12.22 -0.32 17.68
C ILE D 198 12.90 -1.58 18.20
N THR D 199 13.85 -1.42 19.11
CA THR D 199 14.55 -2.51 19.81
C THR D 199 14.30 -2.36 21.31
N VAL D 200 13.61 -3.35 21.86
CA VAL D 200 13.43 -3.58 23.32
C VAL D 200 14.66 -4.36 23.84
N GLN D 201 15.15 -4.00 25.01
CA GLN D 201 16.26 -4.70 25.70
C GLN D 201 15.73 -5.68 26.75
#